data_1UN8
#
_entry.id   1UN8
#
_cell.length_a   100.440
_cell.length_b   124.590
_cell.length_c   237.120
_cell.angle_alpha   90.00
_cell.angle_beta   90.00
_cell.angle_gamma   90.00
#
_symmetry.space_group_name_H-M   'C 2 2 21'
#
loop_
_entity.id
_entity.type
_entity.pdbx_description
1 polymer 'DIHYDROXYACETONE KINASE'
2 non-polymer '(2R)-3-(PHOSPHONOOXY)-2-(TETRADECANOYLOXY)PROPYL PALMITATE'
3 water water
#
_entity_poly.entity_id   1
_entity_poly.type   'polypeptide(L)'
_entity_poly.pdbx_seq_one_letter_code
;MSQFFFNQRTHLVSDVIDGAIIASPWNNLARLESDPAIRIVVRRDLNKNNVAVISGGGSGHEPAHVGFIGKGMLTAAVCG
DVFASPSVDAVLTAIQAVTGEAGCLLIVKNYTGDRLNFGLAAEKARRLGYNVEMLIVGDDISLPDNKHPRGIAGTILVHK
IAGYFAERGYNLATVLREAQYAASNTFSLGVALSSCHLPQETDAAPRHHPGHAELGMGIHGEPGASVIDTQNSAQVVNLM
VDKLLAALPETGRLAVMINNLGGVSVAEMAIITRELASSPLHSRIDWLIGPASLVTALDMKGFSLTAIVLEESIEKALLT
EVETSNWPTPVPPREITCVVSSHASARVEFQPSANALVAGIVELVTATLSDLETHLNALDAKVGDGDTGSTFAAAAREIA
SLLHRQQLPLNNLATLFALIGERLTVVMGGSSGVLMSIFFTAAGQKLEQGANVVEALNTGLAQMKFYGGADEGDRTMIDA
LQPALTSLLAQPKNLQAAFDAAQAGAERTCLSSKANAGRASYLSSESLLGNMDPGAQRLAMVFKALAESELG
;
_entity_poly.pdbx_strand_id   A,B
#
loop_
_chem_comp.id
_chem_comp.type
_chem_comp.name
_chem_comp.formula
MYY non-polymer '(2R)-3-(PHOSPHONOOXY)-2-(TETRADECANOYLOXY)PROPYL PALMITATE' 'C33 H65 O8 P'
#
# COMPACT_ATOMS: atom_id res chain seq x y z
N MET A 1 18.37 -6.97 11.67
CA MET A 1 17.49 -5.85 12.12
C MET A 1 16.72 -5.30 10.92
N SER A 2 17.36 -5.31 9.76
CA SER A 2 16.74 -4.80 8.54
C SER A 2 15.60 -5.68 8.05
N GLN A 3 14.40 -5.12 7.97
CA GLN A 3 13.21 -5.83 7.48
C GLN A 3 12.85 -5.08 6.19
N PHE A 4 13.63 -5.29 5.13
CA PHE A 4 13.44 -4.56 3.88
C PHE A 4 13.83 -5.40 2.67
N PHE A 5 13.01 -5.41 1.63
CA PHE A 5 13.36 -6.15 0.42
C PHE A 5 14.25 -5.29 -0.46
N PHE A 6 15.51 -5.68 -0.60
CA PHE A 6 16.45 -4.97 -1.46
C PHE A 6 17.64 -5.86 -1.73
N ASN A 7 18.51 -5.44 -2.64
CA ASN A 7 19.69 -6.22 -3.01
C ASN A 7 20.94 -5.49 -2.50
N GLN A 8 21.60 -4.74 -3.38
CA GLN A 8 22.78 -3.97 -2.99
C GLN A 8 22.31 -2.62 -2.42
N ARG A 9 22.73 -2.28 -1.21
CA ARG A 9 22.30 -1.01 -0.64
C ARG A 9 22.60 0.17 -1.56
N THR A 10 23.82 0.20 -2.11
CA THR A 10 24.21 1.31 -2.98
C THR A 10 23.41 1.41 -4.29
N HIS A 11 22.76 0.32 -4.70
CA HIS A 11 21.96 0.35 -5.93
C HIS A 11 20.46 0.50 -5.67
N LEU A 12 20.10 0.58 -4.39
CA LEU A 12 18.71 0.69 -3.94
C LEU A 12 17.86 1.65 -4.77
N VAL A 13 18.18 2.93 -4.70
CA VAL A 13 17.41 3.94 -5.43
C VAL A 13 17.39 3.65 -6.93
N SER A 14 18.54 3.27 -7.49
CA SER A 14 18.60 2.97 -8.90
C SER A 14 17.66 1.82 -9.25
N ASP A 15 17.65 0.78 -8.41
CA ASP A 15 16.75 -0.33 -8.69
C ASP A 15 15.27 0.10 -8.64
N VAL A 16 14.94 1.00 -7.73
CA VAL A 16 13.56 1.49 -7.62
C VAL A 16 13.17 2.18 -8.91
N ILE A 17 14.07 2.99 -9.43
CA ILE A 17 13.84 3.72 -10.68
C ILE A 17 13.57 2.73 -11.83
N ASP A 18 14.45 1.73 -11.99
CA ASP A 18 14.27 0.73 -13.04
C ASP A 18 12.88 0.10 -12.93
N GLY A 19 12.50 -0.27 -11.71
CA GLY A 19 11.19 -0.86 -11.54
C GLY A 19 10.07 0.08 -11.90
N ALA A 20 10.23 1.38 -11.62
CA ALA A 20 9.18 2.35 -11.92
C ALA A 20 8.97 2.48 -13.42
N ILE A 21 10.08 2.45 -14.15
CA ILE A 21 10.08 2.54 -15.58
C ILE A 21 9.44 1.28 -16.17
N ILE A 22 9.95 0.12 -15.75
CA ILE A 22 9.45 -1.18 -16.23
C ILE A 22 7.93 -1.26 -16.16
N ALA A 23 7.33 -0.57 -15.19
CA ALA A 23 5.88 -0.62 -15.00
C ALA A 23 5.15 0.62 -15.49
N SER A 24 5.87 1.53 -16.15
CA SER A 24 5.28 2.75 -16.66
C SER A 24 4.06 2.53 -17.56
N PRO A 25 2.88 2.98 -17.12
CA PRO A 25 1.67 2.80 -17.91
C PRO A 25 1.78 3.48 -19.28
N TRP A 26 2.34 4.69 -19.31
CA TRP A 26 2.49 5.45 -20.55
C TRP A 26 3.82 5.20 -21.27
N ASN A 27 4.75 4.54 -20.59
CA ASN A 27 6.05 4.28 -21.20
C ASN A 27 6.63 5.62 -21.63
N ASN A 28 6.41 6.64 -20.79
CA ASN A 28 6.89 7.98 -21.07
C ASN A 28 8.01 8.38 -20.13
N LEU A 29 8.66 7.41 -19.52
CA LEU A 29 9.74 7.71 -18.59
C LEU A 29 11.07 7.19 -19.12
N ALA A 30 12.15 7.88 -18.81
CA ALA A 30 13.46 7.47 -19.26
C ALA A 30 14.53 7.95 -18.29
N ARG A 31 15.52 7.12 -18.04
CA ARG A 31 16.60 7.54 -17.16
C ARG A 31 17.48 8.46 -17.99
N LEU A 32 18.25 9.30 -17.33
CA LEU A 32 19.14 10.23 -18.00
C LEU A 32 20.56 9.72 -17.84
N GLU A 33 21.25 9.53 -18.95
CA GLU A 33 22.63 9.03 -18.88
C GLU A 33 23.41 10.00 -18.01
N SER A 34 24.20 9.47 -17.09
CA SER A 34 24.97 10.31 -16.18
C SER A 34 25.86 9.48 -15.29
N ASP A 35 26.57 10.15 -14.39
CA ASP A 35 27.43 9.44 -13.45
C ASP A 35 26.47 8.63 -12.57
N PRO A 36 26.91 7.44 -12.10
CA PRO A 36 26.07 6.59 -11.26
C PRO A 36 25.51 7.31 -10.03
N ALA A 37 26.22 8.33 -9.56
CA ALA A 37 25.79 9.07 -8.38
C ALA A 37 24.68 10.09 -8.68
N ILE A 38 24.31 10.22 -9.95
CA ILE A 38 23.24 11.14 -10.31
C ILE A 38 22.09 10.26 -10.77
N ARG A 39 20.93 10.43 -10.14
CA ARG A 39 19.77 9.63 -10.48
C ARG A 39 18.59 10.48 -10.92
N ILE A 40 18.54 10.75 -12.22
CA ILE A 40 17.50 11.57 -12.82
C ILE A 40 16.59 10.81 -13.76
N VAL A 41 15.29 11.00 -13.61
CA VAL A 41 14.33 10.36 -14.48
C VAL A 41 13.68 11.50 -15.20
N VAL A 42 13.52 11.37 -16.50
CA VAL A 42 12.92 12.43 -17.29
C VAL A 42 11.89 11.87 -18.24
N ARG A 43 11.01 12.72 -18.73
CA ARG A 43 9.97 12.28 -19.66
C ARG A 43 10.50 12.25 -21.08
N ARG A 44 9.95 11.33 -21.88
CA ARG A 44 10.34 11.18 -23.27
C ARG A 44 9.60 12.21 -24.14
N ASP A 45 8.59 12.83 -23.53
CA ASP A 45 7.79 13.86 -24.20
C ASP A 45 8.47 15.20 -24.10
N LEU A 46 9.79 15.22 -23.99
CA LEU A 46 10.48 16.50 -23.85
C LEU A 46 10.13 17.58 -24.87
N ASN A 47 9.40 18.61 -24.40
CA ASN A 47 9.02 19.73 -25.24
C ASN A 47 9.56 21.01 -24.62
N LYS A 48 10.84 21.27 -24.83
CA LYS A 48 11.50 22.46 -24.28
C LYS A 48 10.87 23.81 -24.63
N ASN A 49 9.80 23.81 -25.42
CA ASN A 49 9.16 25.08 -25.77
C ASN A 49 8.33 25.53 -24.58
N ASN A 50 7.89 24.55 -23.80
CA ASN A 50 7.12 24.85 -22.59
C ASN A 50 8.07 24.93 -21.40
N VAL A 51 7.59 25.53 -20.32
CA VAL A 51 8.40 25.66 -19.12
C VAL A 51 8.56 24.31 -18.45
N ALA A 52 9.78 24.01 -18.03
CA ALA A 52 10.05 22.75 -17.36
C ALA A 52 9.72 22.85 -15.87
N VAL A 53 9.08 21.81 -15.34
CA VAL A 53 8.73 21.76 -13.92
C VAL A 53 9.52 20.59 -13.31
N ILE A 54 10.62 20.89 -12.62
CA ILE A 54 11.47 19.85 -12.03
C ILE A 54 11.21 19.70 -10.53
N SER A 55 11.31 18.47 -10.04
CA SER A 55 11.13 18.23 -8.62
C SER A 55 12.08 17.12 -8.17
N GLY A 56 11.82 16.56 -7.00
CA GLY A 56 12.67 15.51 -6.49
C GLY A 56 12.94 15.65 -5.01
N GLY A 57 14.10 15.12 -4.59
CA GLY A 57 14.47 15.14 -3.20
C GLY A 57 14.86 13.73 -2.80
N GLY A 58 15.02 13.47 -1.51
CA GLY A 58 15.41 12.15 -1.07
C GLY A 58 14.39 11.12 -1.49
N SER A 59 14.80 9.87 -1.66
CA SER A 59 13.87 8.82 -2.06
C SER A 59 13.20 8.15 -0.85
N GLY A 60 12.22 7.30 -1.12
CA GLY A 60 11.52 6.64 -0.04
C GLY A 60 10.11 7.17 0.07
N HIS A 61 9.66 7.89 -0.99
CA HIS A 61 8.31 8.49 -0.94
C HIS A 61 7.58 8.09 -2.20
N GLU A 62 8.11 7.07 -2.89
CA GLU A 62 7.51 6.56 -4.11
C GLU A 62 6.02 6.28 -3.84
N PRO A 63 5.16 6.51 -4.82
CA PRO A 63 5.50 6.98 -6.18
C PRO A 63 6.01 8.41 -6.40
N ALA A 64 6.13 9.24 -5.37
CA ALA A 64 6.69 10.58 -5.57
C ALA A 64 8.18 10.39 -5.76
N HIS A 65 8.81 11.10 -6.69
CA HIS A 65 8.12 12.06 -7.57
C HIS A 65 8.08 11.53 -8.99
N VAL A 66 8.81 10.45 -9.23
CA VAL A 66 8.86 9.83 -10.55
C VAL A 66 7.46 9.47 -11.08
N GLY A 67 6.55 9.10 -10.18
CA GLY A 67 5.19 8.73 -10.53
C GLY A 67 4.34 9.92 -10.98
N PHE A 68 4.88 11.11 -10.83
CA PHE A 68 4.17 12.29 -11.31
C PHE A 68 4.91 13.03 -12.40
N ILE A 69 5.71 12.28 -13.15
CA ILE A 69 6.44 12.82 -14.30
C ILE A 69 5.56 12.51 -15.52
N GLY A 70 5.39 13.51 -16.38
CA GLY A 70 4.60 13.34 -17.60
C GLY A 70 3.76 14.55 -17.97
N LYS A 71 3.22 14.39 -19.12
CA LYS A 71 2.36 15.43 -19.65
C LYS A 71 1.35 15.92 -18.62
N GLY A 72 1.35 17.22 -18.34
CA GLY A 72 0.43 17.79 -17.37
C GLY A 72 1.01 17.93 -15.97
N MET A 73 2.20 17.36 -15.76
CA MET A 73 2.87 17.42 -14.46
C MET A 73 4.39 17.53 -14.60
N LEU A 74 5.10 16.92 -13.65
CA LEU A 74 6.56 16.97 -13.63
C LEU A 74 7.25 16.66 -14.94
N THR A 75 8.30 17.43 -15.23
CA THR A 75 9.10 17.25 -16.44
C THR A 75 10.21 16.27 -16.13
N ALA A 76 10.73 16.36 -14.92
CA ALA A 76 11.80 15.47 -14.48
C ALA A 76 11.80 15.44 -12.96
N ALA A 77 12.48 14.45 -12.38
CA ALA A 77 12.57 14.32 -10.93
C ALA A 77 14.01 13.95 -10.59
N VAL A 78 14.57 14.63 -9.60
CA VAL A 78 15.94 14.33 -9.21
C VAL A 78 15.85 13.51 -7.92
N CYS A 79 16.28 12.25 -8.03
CA CYS A 79 16.23 11.29 -6.92
C CYS A 79 17.50 11.13 -6.11
N GLY A 80 17.42 11.49 -4.82
CA GLY A 80 18.57 11.35 -3.95
C GLY A 80 18.48 9.95 -3.38
N ASP A 81 19.41 9.62 -2.49
CA ASP A 81 19.39 8.30 -1.88
C ASP A 81 18.19 8.31 -0.91
N VAL A 82 17.95 7.17 -0.26
CA VAL A 82 16.84 7.07 0.67
C VAL A 82 16.88 8.15 1.74
N PHE A 83 15.84 8.98 1.77
CA PHE A 83 15.74 10.06 2.76
C PHE A 83 16.95 10.97 2.79
N ALA A 84 17.62 11.11 1.65
CA ALA A 84 18.80 11.96 1.54
C ALA A 84 18.70 12.83 0.29
N SER A 85 18.95 14.12 0.44
CA SER A 85 18.85 15.05 -0.68
C SER A 85 19.79 14.72 -1.84
N PRO A 86 19.36 15.04 -3.07
CA PRO A 86 20.17 14.79 -4.27
C PRO A 86 21.34 15.76 -4.22
N SER A 87 22.40 15.50 -4.97
CA SER A 87 23.57 16.39 -4.97
C SER A 87 23.29 17.63 -5.83
N VAL A 88 24.05 18.70 -5.59
CA VAL A 88 23.90 19.93 -6.35
C VAL A 88 24.10 19.60 -7.84
N ASP A 89 25.16 18.83 -8.10
CA ASP A 89 25.52 18.40 -9.43
C ASP A 89 24.32 17.76 -10.12
N ALA A 90 23.66 16.85 -9.41
CA ALA A 90 22.52 16.17 -9.95
C ALA A 90 21.42 17.12 -10.38
N VAL A 91 21.05 18.05 -9.49
CA VAL A 91 19.98 18.98 -9.80
C VAL A 91 20.32 19.81 -11.03
N LEU A 92 21.55 20.30 -11.09
CA LEU A 92 21.97 21.11 -12.22
C LEU A 92 21.80 20.31 -13.51
N THR A 93 22.36 19.09 -13.51
CA THR A 93 22.29 18.21 -14.66
C THR A 93 20.88 18.10 -15.21
N ALA A 94 19.89 18.03 -14.32
CA ALA A 94 18.50 17.94 -14.76
C ALA A 94 18.04 19.23 -15.43
N ILE A 95 18.41 20.36 -14.83
CA ILE A 95 18.02 21.67 -15.35
C ILE A 95 18.53 21.82 -16.80
N GLN A 96 19.83 21.61 -16.97
CA GLN A 96 20.46 21.71 -18.29
C GLN A 96 19.91 20.70 -19.27
N ALA A 97 19.48 19.56 -18.77
CA ALA A 97 18.98 18.51 -19.62
C ALA A 97 17.58 18.69 -20.20
N VAL A 98 16.72 19.42 -19.50
CA VAL A 98 15.35 19.58 -19.96
C VAL A 98 14.84 21.00 -20.04
N THR A 99 15.72 21.96 -19.76
CA THR A 99 15.29 23.36 -19.77
C THR A 99 15.70 24.12 -21.04
N GLY A 100 14.70 24.75 -21.66
CA GLY A 100 14.90 25.55 -22.84
C GLY A 100 14.80 27.01 -22.46
N GLU A 101 14.73 27.90 -23.45
CA GLU A 101 14.64 29.32 -23.18
C GLU A 101 13.49 29.68 -22.26
N ALA A 102 12.42 28.89 -22.30
CA ALA A 102 11.24 29.16 -21.48
C ALA A 102 11.55 29.12 -19.98
N GLY A 103 12.64 28.45 -19.61
CA GLY A 103 13.01 28.35 -18.20
C GLY A 103 12.34 27.18 -17.48
N CYS A 104 12.69 27.01 -16.21
CA CYS A 104 12.13 25.94 -15.39
C CYS A 104 11.81 26.37 -13.97
N LEU A 105 10.81 25.71 -13.42
CA LEU A 105 10.37 25.95 -12.05
C LEU A 105 10.78 24.76 -11.19
N LEU A 106 11.60 25.00 -10.17
CA LEU A 106 12.00 23.93 -9.27
C LEU A 106 10.95 23.92 -8.14
N ILE A 107 10.32 22.76 -7.90
CA ILE A 107 9.35 22.65 -6.83
C ILE A 107 10.06 21.83 -5.72
N VAL A 108 10.36 22.50 -4.60
CA VAL A 108 11.07 21.84 -3.51
C VAL A 108 10.32 21.73 -2.18
N LYS A 109 10.30 20.52 -1.61
CA LYS A 109 9.65 20.30 -0.31
C LYS A 109 10.52 20.99 0.73
N ASN A 110 9.90 21.57 1.75
CA ASN A 110 10.65 22.30 2.77
C ASN A 110 11.59 21.49 3.66
N TYR A 111 12.83 21.32 3.20
CA TYR A 111 13.85 20.61 3.97
C TYR A 111 15.18 21.24 3.58
N THR A 112 15.99 21.57 4.59
CA THR A 112 17.29 22.20 4.37
C THR A 112 18.10 21.59 3.23
N GLY A 113 18.33 20.28 3.31
CA GLY A 113 19.11 19.61 2.28
C GLY A 113 18.65 19.93 0.87
N ASP A 114 17.35 19.86 0.62
CA ASP A 114 16.82 20.15 -0.70
C ASP A 114 16.91 21.63 -1.05
N ARG A 115 16.57 22.47 -0.09
CA ARG A 115 16.61 23.92 -0.31
C ARG A 115 18.01 24.36 -0.66
N LEU A 116 18.99 23.89 0.09
CA LEU A 116 20.37 24.27 -0.16
C LEU A 116 20.92 23.67 -1.46
N ASN A 117 20.60 22.42 -1.74
CA ASN A 117 21.14 21.80 -2.95
C ASN A 117 20.46 22.23 -4.23
N PHE A 118 19.14 22.33 -4.22
CA PHE A 118 18.46 22.78 -5.43
C PHE A 118 18.80 24.27 -5.58
N GLY A 119 18.99 24.95 -4.46
CA GLY A 119 19.31 26.36 -4.48
C GLY A 119 20.65 26.67 -5.13
N LEU A 120 21.72 26.04 -4.66
CA LEU A 120 23.01 26.30 -5.28
C LEU A 120 22.91 25.91 -6.75
N ALA A 121 22.10 24.90 -7.05
CA ALA A 121 21.92 24.46 -8.43
C ALA A 121 21.28 25.57 -9.27
N ALA A 122 20.22 26.16 -8.77
CA ALA A 122 19.54 27.24 -9.47
C ALA A 122 20.52 28.38 -9.74
N GLU A 123 21.35 28.67 -8.74
CA GLU A 123 22.33 29.74 -8.86
C GLU A 123 23.34 29.45 -9.95
N LYS A 124 23.83 28.22 -9.98
CA LYS A 124 24.80 27.84 -10.99
C LYS A 124 24.14 27.82 -12.36
N ALA A 125 22.83 27.57 -12.38
CA ALA A 125 22.08 27.51 -13.63
C ALA A 125 21.92 28.91 -14.18
N ARG A 126 21.60 29.84 -13.28
CA ARG A 126 21.41 31.23 -13.67
C ARG A 126 22.67 31.80 -14.28
N ARG A 127 23.83 31.42 -13.74
CA ARG A 127 25.08 31.90 -14.29
C ARG A 127 25.26 31.38 -15.72
N LEU A 128 24.62 30.26 -16.01
CA LEU A 128 24.71 29.65 -17.33
C LEU A 128 23.61 30.16 -18.26
N GLY A 129 22.91 31.20 -17.84
CA GLY A 129 21.88 31.76 -18.69
C GLY A 129 20.48 31.19 -18.64
N TYR A 130 20.28 30.12 -17.86
CA TYR A 130 18.94 29.56 -17.77
C TYR A 130 18.06 30.43 -16.88
N ASN A 131 16.76 30.44 -17.17
CA ASN A 131 15.83 31.19 -16.35
C ASN A 131 15.26 30.20 -15.35
N VAL A 132 15.51 30.45 -14.07
CA VAL A 132 15.06 29.56 -13.02
C VAL A 132 14.28 30.21 -11.89
N GLU A 133 13.30 29.48 -11.39
CA GLU A 133 12.50 29.95 -10.26
C GLU A 133 12.35 28.76 -9.30
N MET A 134 12.28 29.05 -8.00
CA MET A 134 12.14 27.99 -7.03
C MET A 134 10.96 28.23 -6.07
N LEU A 135 10.13 27.22 -5.90
CA LEU A 135 8.99 27.32 -4.98
C LEU A 135 9.12 26.28 -3.88
N ILE A 136 9.38 26.75 -2.66
CA ILE A 136 9.51 25.86 -1.52
C ILE A 136 8.10 25.58 -0.97
N VAL A 137 7.73 24.30 -0.91
CA VAL A 137 6.41 23.92 -0.41
C VAL A 137 6.44 23.46 1.06
N GLY A 138 5.64 24.11 1.90
CA GLY A 138 5.58 23.76 3.30
C GLY A 138 4.13 23.68 3.71
N ASP A 139 3.48 22.59 3.32
CA ASP A 139 2.06 22.40 3.60
C ASP A 139 1.66 21.79 4.95
N ASP A 140 2.61 21.22 5.68
CA ASP A 140 2.30 20.61 6.97
C ASP A 140 1.81 21.65 7.99
N ILE A 141 0.74 21.33 8.71
CA ILE A 141 0.20 22.24 9.72
C ILE A 141 0.33 21.68 11.13
N SER A 142 0.99 20.54 11.26
CA SER A 142 1.14 19.91 12.57
C SER A 142 1.94 20.72 13.60
N LEU A 143 2.86 21.56 13.15
CA LEU A 143 3.72 22.33 14.05
C LEU A 143 3.56 23.84 13.89
N PRO A 144 2.51 24.41 14.48
CA PRO A 144 2.29 25.86 14.38
C PRO A 144 3.50 26.70 14.75
N ASP A 145 4.22 26.29 15.80
CA ASP A 145 5.38 27.04 16.26
C ASP A 145 6.61 26.87 15.37
N ASN A 146 6.46 26.11 14.30
CA ASN A 146 7.58 25.90 13.40
C ASN A 146 7.68 27.00 12.35
N LYS A 147 8.86 27.57 12.23
CA LYS A 147 9.12 28.65 11.27
C LYS A 147 9.08 28.12 9.84
N HIS A 148 9.51 26.88 9.68
CA HIS A 148 9.56 26.25 8.37
C HIS A 148 8.71 24.99 8.27
N PRO A 149 7.43 25.13 7.93
CA PRO A 149 6.51 23.98 7.80
C PRO A 149 7.10 22.94 6.84
N ARG A 150 7.08 21.70 7.26
CA ARG A 150 7.60 20.64 6.41
C ARG A 150 6.72 20.48 5.20
N GLY A 151 7.33 20.04 4.10
CA GLY A 151 6.59 19.80 2.88
C GLY A 151 6.30 18.31 2.79
N ILE A 152 5.01 17.98 2.69
CA ILE A 152 4.60 16.58 2.59
C ILE A 152 3.64 16.33 1.40
N ALA A 153 2.70 15.40 1.56
CA ALA A 153 1.79 15.02 0.50
C ALA A 153 1.23 16.12 -0.41
N GLY A 154 0.79 17.22 0.18
CA GLY A 154 0.22 18.30 -0.61
C GLY A 154 1.10 18.76 -1.76
N THR A 155 2.40 18.55 -1.63
CA THR A 155 3.33 18.96 -2.67
C THR A 155 2.86 18.55 -4.05
N ILE A 156 2.38 17.32 -4.20
CA ILE A 156 1.96 16.88 -5.51
C ILE A 156 0.77 17.67 -6.04
N LEU A 157 -0.05 18.22 -5.15
CA LEU A 157 -1.17 19.01 -5.63
C LEU A 157 -0.57 20.25 -6.27
N VAL A 158 0.60 20.64 -5.80
CA VAL A 158 1.28 21.80 -6.35
C VAL A 158 1.83 21.42 -7.72
N HIS A 159 2.34 20.20 -7.86
CA HIS A 159 2.86 19.75 -9.15
C HIS A 159 1.73 19.83 -10.17
N LYS A 160 0.55 19.37 -9.77
CA LYS A 160 -0.62 19.34 -10.63
C LYS A 160 -0.96 20.70 -11.22
N ILE A 161 -1.01 21.72 -10.38
CA ILE A 161 -1.33 23.07 -10.83
C ILE A 161 -0.21 23.63 -11.69
N ALA A 162 1.03 23.47 -11.25
CA ALA A 162 2.16 23.96 -12.01
C ALA A 162 2.16 23.32 -13.40
N GLY A 163 1.93 22.00 -13.42
CA GLY A 163 1.92 21.27 -14.67
C GLY A 163 0.86 21.76 -15.65
N TYR A 164 -0.32 22.05 -15.12
CA TYR A 164 -1.42 22.53 -15.95
C TYR A 164 -0.97 23.72 -16.80
N PHE A 165 -0.49 24.77 -16.14
CA PHE A 165 -0.05 25.97 -16.82
C PHE A 165 1.19 25.77 -17.70
N ALA A 166 2.18 25.02 -17.21
CA ALA A 166 3.39 24.79 -17.99
C ALA A 166 3.12 24.09 -19.31
N GLU A 167 2.27 23.08 -19.31
CA GLU A 167 1.95 22.34 -20.53
C GLU A 167 1.24 23.22 -21.55
N ARG A 168 0.44 24.16 -21.05
CA ARG A 168 -0.30 25.06 -21.90
C ARG A 168 0.46 26.31 -22.30
N GLY A 169 1.79 26.19 -22.34
CA GLY A 169 2.64 27.27 -22.76
C GLY A 169 2.71 28.58 -21.98
N TYR A 170 2.11 28.65 -20.79
CA TYR A 170 2.19 29.90 -20.03
C TYR A 170 3.65 30.14 -19.66
N ASN A 171 4.00 31.38 -19.38
CA ASN A 171 5.38 31.70 -19.04
C ASN A 171 5.79 31.35 -17.61
N LEU A 172 7.10 31.23 -17.40
CA LEU A 172 7.65 30.89 -16.10
C LEU A 172 7.00 31.67 -14.98
N ALA A 173 6.95 32.99 -15.13
CA ALA A 173 6.36 33.85 -14.13
C ALA A 173 4.96 33.42 -13.76
N THR A 174 4.19 33.01 -14.76
CA THR A 174 2.81 32.57 -14.52
C THR A 174 2.78 31.22 -13.83
N VAL A 175 3.65 30.32 -14.25
CA VAL A 175 3.73 29.00 -13.65
C VAL A 175 3.98 29.21 -12.15
N LEU A 176 5.03 29.95 -11.83
CA LEU A 176 5.39 30.22 -10.45
C LEU A 176 4.24 30.86 -9.68
N ARG A 177 3.64 31.89 -10.26
CA ARG A 177 2.53 32.58 -9.63
C ARG A 177 1.44 31.62 -9.19
N GLU A 178 0.95 30.84 -10.15
CA GLU A 178 -0.10 29.88 -9.91
C GLU A 178 0.32 28.78 -8.94
N ALA A 179 1.55 28.30 -9.11
CA ALA A 179 2.11 27.25 -8.27
C ALA A 179 2.13 27.73 -6.82
N GLN A 180 2.56 28.97 -6.63
CA GLN A 180 2.62 29.53 -5.29
C GLN A 180 1.19 29.67 -4.76
N TYR A 181 0.27 30.07 -5.62
CA TYR A 181 -1.12 30.26 -5.23
C TYR A 181 -1.68 28.92 -4.73
N ALA A 182 -1.37 27.84 -5.43
CA ALA A 182 -1.84 26.52 -5.02
C ALA A 182 -1.24 26.17 -3.66
N ALA A 183 0.07 26.32 -3.55
CA ALA A 183 0.76 26.02 -2.31
C ALA A 183 0.04 26.71 -1.15
N SER A 184 -0.10 28.02 -1.24
CA SER A 184 -0.76 28.82 -0.19
C SER A 184 -2.16 28.34 0.18
N ASN A 185 -2.76 27.53 -0.67
CA ASN A 185 -4.08 27.02 -0.41
C ASN A 185 -4.08 25.53 -0.11
N THR A 186 -2.91 25.00 0.26
CA THR A 186 -2.78 23.60 0.55
C THR A 186 -2.39 23.38 2.01
N PHE A 187 -3.16 22.54 2.69
CA PHE A 187 -2.92 22.23 4.09
C PHE A 187 -2.96 20.72 4.33
N SER A 188 -1.91 20.20 4.95
CA SER A 188 -1.83 18.77 5.21
C SER A 188 -1.51 18.45 6.67
N LEU A 189 -2.02 17.30 7.11
CA LEU A 189 -1.79 16.83 8.47
C LEU A 189 -1.69 15.31 8.44
N GLY A 190 -0.61 14.78 9.00
CA GLY A 190 -0.43 13.35 9.00
C GLY A 190 -0.44 12.73 10.39
N VAL A 191 -0.62 11.43 10.44
CA VAL A 191 -0.64 10.72 11.71
C VAL A 191 -0.09 9.33 11.43
N ALA A 192 0.62 8.76 12.41
CA ALA A 192 1.20 7.45 12.24
C ALA A 192 1.19 6.62 13.52
N LEU A 193 1.05 5.31 13.36
CA LEU A 193 1.04 4.37 14.48
C LEU A 193 2.46 3.89 14.70
N SER A 194 3.27 3.95 13.66
CA SER A 194 4.68 3.54 13.78
C SER A 194 5.51 4.11 12.64
N SER A 195 6.79 4.31 12.90
CA SER A 195 7.65 4.84 11.86
C SER A 195 7.91 3.75 10.81
N CYS A 196 8.80 4.00 9.87
CA CYS A 196 9.06 3.04 8.80
C CYS A 196 10.30 2.18 9.01
N HIS A 197 10.36 1.08 8.26
CA HIS A 197 11.51 0.19 8.32
C HIS A 197 12.53 0.74 7.31
N LEU A 198 13.76 0.92 7.77
CA LEU A 198 14.81 1.44 6.90
C LEU A 198 15.61 0.31 6.29
N PRO A 199 16.16 0.53 5.08
CA PRO A 199 16.95 -0.51 4.42
C PRO A 199 18.34 -0.66 5.03
N GLN A 200 18.39 -0.84 6.34
CA GLN A 200 19.65 -0.98 7.04
C GLN A 200 19.46 -1.49 8.46
N GLU A 201 20.55 -1.90 9.07
CA GLU A 201 20.56 -2.40 10.44
C GLU A 201 20.41 -1.15 11.33
N THR A 202 19.54 -1.22 12.32
CA THR A 202 19.34 -0.07 13.21
C THR A 202 19.50 -0.41 14.69
N ASP A 203 19.36 0.60 15.54
CA ASP A 203 19.48 0.42 16.97
C ASP A 203 18.21 -0.10 17.64
N ALA A 204 17.05 0.36 17.16
CA ALA A 204 15.79 -0.07 17.73
C ALA A 204 14.69 -0.11 16.68
N ALA A 205 13.69 -0.95 16.91
CA ALA A 205 12.56 -1.06 15.99
C ALA A 205 12.00 0.36 15.74
N PRO A 206 11.17 0.44 14.72
CA PRO A 206 10.56 1.76 14.39
C PRO A 206 9.83 2.40 15.57
N ARG A 207 9.98 3.69 15.76
CA ARG A 207 9.27 4.36 16.85
C ARG A 207 7.81 3.95 16.79
N HIS A 208 7.26 3.68 17.95
CA HIS A 208 5.89 3.28 18.08
C HIS A 208 5.36 3.60 19.50
N HIS A 209 4.14 4.01 19.59
CA HIS A 209 3.55 4.22 20.89
C HIS A 209 2.43 3.18 20.96
N PRO A 210 2.48 2.33 21.98
CA PRO A 210 1.44 1.32 22.12
C PRO A 210 0.04 1.89 22.33
N GLY A 211 -0.93 1.42 21.56
CA GLY A 211 -2.30 1.87 21.68
C GLY A 211 -2.51 3.35 21.35
N HIS A 212 -1.42 4.07 21.08
CA HIS A 212 -1.49 5.48 20.75
C HIS A 212 -1.08 5.81 19.34
N ALA A 213 -1.17 7.09 18.97
CA ALA A 213 -0.82 7.52 17.61
C ALA A 213 -0.06 8.83 17.61
N GLU A 214 1.05 8.87 16.88
CA GLU A 214 1.86 10.08 16.80
C GLU A 214 1.37 11.04 15.70
N LEU A 215 0.76 12.14 16.12
CA LEU A 215 0.26 13.13 15.20
C LEU A 215 1.44 13.94 14.65
N GLY A 216 1.48 14.09 13.33
CA GLY A 216 2.54 14.88 12.73
C GLY A 216 3.88 14.22 12.47
N MET A 217 3.96 12.90 12.60
CA MET A 217 5.23 12.23 12.32
C MET A 217 5.65 12.61 10.89
N GLY A 218 6.90 13.01 10.73
CA GLY A 218 7.40 13.40 9.43
C GLY A 218 7.56 12.28 8.42
N ILE A 219 7.62 12.63 7.13
CA ILE A 219 7.77 11.64 6.08
C ILE A 219 9.17 11.03 6.04
N HIS A 220 10.03 11.48 6.94
CA HIS A 220 11.37 10.92 7.04
C HIS A 220 11.46 10.30 8.43
N GLY A 221 10.30 10.24 9.09
CA GLY A 221 10.25 9.67 10.43
C GLY A 221 10.50 10.70 11.51
N GLU A 222 10.62 11.96 11.14
CA GLU A 222 10.86 13.03 12.12
C GLU A 222 9.79 13.05 13.22
N PRO A 223 10.16 13.52 14.42
CA PRO A 223 9.24 13.62 15.55
C PRO A 223 8.02 14.41 15.15
N GLY A 224 6.85 13.98 15.61
CA GLY A 224 5.63 14.69 15.28
C GLY A 224 5.32 15.82 16.25
N ALA A 225 4.08 16.31 16.21
CA ALA A 225 3.66 17.40 17.07
C ALA A 225 3.05 16.95 18.40
N SER A 226 2.55 15.72 18.45
CA SER A 226 1.92 15.23 19.68
C SER A 226 1.61 13.76 19.58
N VAL A 227 1.04 13.21 20.67
CA VAL A 227 0.66 11.79 20.72
C VAL A 227 -0.79 11.68 21.13
N ILE A 228 -1.62 10.99 20.34
CA ILE A 228 -3.04 10.82 20.66
C ILE A 228 -3.17 9.53 21.48
N ASP A 229 -3.92 9.60 22.58
CA ASP A 229 -4.10 8.47 23.47
C ASP A 229 -5.01 7.36 22.96
N THR A 230 -5.23 7.32 21.65
CA THR A 230 -6.06 6.28 21.08
C THR A 230 -5.72 6.09 19.61
N GLN A 231 -6.20 5.00 19.02
CA GLN A 231 -5.98 4.71 17.61
C GLN A 231 -7.32 4.67 16.91
N ASN A 232 -8.38 4.96 17.68
CA ASN A 232 -9.73 4.98 17.14
C ASN A 232 -9.84 5.85 15.91
N SER A 233 -10.22 5.25 14.78
CA SER A 233 -10.33 5.97 13.52
C SER A 233 -11.16 7.25 13.55
N ALA A 234 -12.33 7.20 14.19
CA ALA A 234 -13.18 8.39 14.24
C ALA A 234 -12.57 9.53 15.05
N GLN A 235 -12.04 9.19 16.21
CA GLN A 235 -11.45 10.19 17.07
C GLN A 235 -10.25 10.79 16.38
N VAL A 236 -9.38 9.93 15.86
CA VAL A 236 -8.19 10.41 15.17
C VAL A 236 -8.54 11.29 13.97
N VAL A 237 -9.48 10.87 13.13
CA VAL A 237 -9.82 11.68 11.98
C VAL A 237 -10.48 13.00 12.35
N ASN A 238 -11.36 12.99 13.35
CA ASN A 238 -12.03 14.23 13.72
C ASN A 238 -11.04 15.23 14.33
N LEU A 239 -10.08 14.72 15.09
CA LEU A 239 -9.09 15.59 15.67
C LEU A 239 -8.33 16.27 14.53
N MET A 240 -8.00 15.48 13.52
CA MET A 240 -7.28 15.99 12.37
C MET A 240 -8.13 16.96 11.61
N VAL A 241 -9.40 16.65 11.46
CA VAL A 241 -10.30 17.53 10.75
C VAL A 241 -10.42 18.89 11.45
N ASP A 242 -10.44 18.88 12.78
CA ASP A 242 -10.53 20.14 13.49
C ASP A 242 -9.36 21.03 13.12
N LYS A 243 -8.15 20.51 13.28
CA LYS A 243 -6.94 21.26 12.97
C LYS A 243 -6.93 21.72 11.52
N LEU A 244 -7.47 20.91 10.62
CA LEU A 244 -7.51 21.32 9.23
C LEU A 244 -8.47 22.50 9.10
N LEU A 245 -9.63 22.40 9.74
CA LEU A 245 -10.62 23.47 9.67
C LEU A 245 -10.09 24.78 10.26
N ALA A 246 -9.29 24.68 11.31
CA ALA A 246 -8.74 25.86 11.94
C ALA A 246 -7.76 26.58 11.01
N ALA A 247 -7.19 25.86 10.05
CA ALA A 247 -6.23 26.48 9.14
C ALA A 247 -6.87 26.89 7.83
N LEU A 248 -8.00 26.29 7.50
CA LEU A 248 -8.69 26.59 6.25
C LEU A 248 -9.57 27.82 6.38
N PRO A 249 -9.91 28.44 5.24
CA PRO A 249 -10.78 29.63 5.26
C PRO A 249 -12.10 29.14 5.86
N GLU A 250 -12.89 30.01 6.46
CA GLU A 250 -14.14 29.55 7.06
C GLU A 250 -15.18 29.14 6.02
N THR A 251 -14.95 29.48 4.75
CA THR A 251 -15.89 29.08 3.70
C THR A 251 -15.15 28.74 2.42
N GLY A 252 -15.83 28.01 1.54
CA GLY A 252 -15.24 27.61 0.27
C GLY A 252 -15.23 26.11 0.06
N ARG A 253 -15.31 25.70 -1.22
CA ARG A 253 -15.30 24.29 -1.57
C ARG A 253 -13.88 23.73 -1.40
N LEU A 254 -13.81 22.41 -1.23
CA LEU A 254 -12.54 21.73 -1.01
C LEU A 254 -12.36 20.40 -1.71
N ALA A 255 -11.11 20.15 -2.04
CA ALA A 255 -10.71 18.88 -2.63
C ALA A 255 -9.87 18.26 -1.50
N VAL A 256 -10.08 17.00 -1.14
CA VAL A 256 -9.29 16.38 -0.07
C VAL A 256 -8.58 15.13 -0.54
N MET A 257 -7.29 15.08 -0.26
CA MET A 257 -6.49 13.93 -0.64
C MET A 257 -6.16 13.03 0.56
N ILE A 258 -6.60 11.78 0.49
CA ILE A 258 -6.35 10.80 1.53
C ILE A 258 -5.15 9.96 1.07
N ASN A 259 -4.00 10.22 1.67
CA ASN A 259 -2.74 9.59 1.34
C ASN A 259 -2.29 8.52 2.35
N ASN A 260 -1.88 7.38 1.83
CA ASN A 260 -1.42 6.28 2.66
C ASN A 260 0.10 6.41 2.75
N LEU A 261 0.62 6.63 3.96
CA LEU A 261 2.07 6.78 4.10
C LEU A 261 2.85 5.51 3.74
N GLY A 262 2.14 4.39 3.57
CA GLY A 262 2.82 3.18 3.16
C GLY A 262 2.52 1.89 3.87
N GLY A 263 2.11 1.97 5.14
CA GLY A 263 1.85 0.76 5.90
C GLY A 263 0.43 0.52 6.38
N VAL A 264 -0.52 1.36 6.00
CA VAL A 264 -1.87 1.14 6.43
C VAL A 264 -2.53 0.14 5.49
N SER A 265 -3.37 -0.74 6.03
CA SER A 265 -4.07 -1.72 5.21
C SER A 265 -5.14 -1.00 4.39
N VAL A 266 -5.48 -1.56 3.23
CA VAL A 266 -6.48 -0.95 2.37
C VAL A 266 -7.80 -0.88 3.15
N ALA A 267 -8.06 -1.91 3.95
CA ALA A 267 -9.28 -1.93 4.75
C ALA A 267 -9.31 -0.68 5.62
N GLU A 268 -8.23 -0.49 6.37
CA GLU A 268 -8.12 0.67 7.25
C GLU A 268 -8.32 1.97 6.48
N MET A 269 -7.69 2.07 5.31
CA MET A 269 -7.80 3.28 4.50
C MET A 269 -9.24 3.57 4.12
N ALA A 270 -10.04 2.51 3.93
CA ALA A 270 -11.44 2.65 3.60
C ALA A 270 -12.19 3.20 4.80
N ILE A 271 -11.91 2.65 5.97
CA ILE A 271 -12.54 3.12 7.19
C ILE A 271 -12.21 4.59 7.36
N ILE A 272 -10.95 4.95 7.15
CA ILE A 272 -10.52 6.33 7.29
C ILE A 272 -11.33 7.21 6.34
N THR A 273 -11.51 6.72 5.11
CA THR A 273 -12.25 7.46 4.11
C THR A 273 -13.68 7.67 4.60
N ARG A 274 -14.25 6.67 5.26
CA ARG A 274 -15.60 6.80 5.76
C ARG A 274 -15.68 7.86 6.86
N GLU A 275 -14.69 7.87 7.74
CA GLU A 275 -14.65 8.83 8.84
C GLU A 275 -14.62 10.25 8.29
N LEU A 276 -13.76 10.48 7.30
CA LEU A 276 -13.62 11.79 6.68
C LEU A 276 -14.96 12.22 6.11
N ALA A 277 -15.65 11.30 5.45
CA ALA A 277 -16.93 11.59 4.83
C ALA A 277 -18.00 11.95 5.86
N SER A 278 -17.78 11.54 7.10
CA SER A 278 -18.72 11.81 8.17
C SER A 278 -18.23 12.91 9.10
N SER A 279 -17.10 13.53 8.75
CA SER A 279 -16.55 14.58 9.59
C SER A 279 -17.19 15.93 9.25
N PRO A 280 -17.03 16.91 10.14
CA PRO A 280 -17.60 18.24 9.92
C PRO A 280 -17.06 18.86 8.63
N LEU A 281 -16.05 18.23 8.05
CA LEU A 281 -15.42 18.71 6.82
C LEU A 281 -16.23 18.29 5.60
N HIS A 282 -17.08 17.31 5.83
CA HIS A 282 -17.94 16.71 4.81
C HIS A 282 -18.72 17.61 3.85
N SER A 283 -19.48 18.56 4.39
CA SER A 283 -20.31 19.46 3.57
C SER A 283 -19.57 20.39 2.62
N ARG A 284 -18.25 20.39 2.65
CA ARG A 284 -17.49 21.30 1.78
C ARG A 284 -16.63 20.56 0.77
N ILE A 285 -16.71 19.22 0.80
CA ILE A 285 -15.93 18.40 -0.10
C ILE A 285 -16.60 18.17 -1.45
N ASP A 286 -15.89 18.45 -2.53
CA ASP A 286 -16.45 18.24 -3.87
C ASP A 286 -15.64 17.18 -4.58
N TRP A 287 -14.46 16.88 -4.03
CA TRP A 287 -13.61 15.87 -4.63
C TRP A 287 -12.73 15.14 -3.61
N LEU A 288 -12.50 13.85 -3.87
CA LEU A 288 -11.62 13.02 -3.06
C LEU A 288 -10.49 12.56 -3.96
N ILE A 289 -9.27 12.61 -3.45
CA ILE A 289 -8.12 12.15 -4.19
C ILE A 289 -7.58 11.04 -3.29
N GLY A 290 -7.78 9.79 -3.72
CA GLY A 290 -7.35 8.65 -2.93
C GLY A 290 -8.60 8.05 -2.29
N PRO A 291 -8.48 7.21 -1.26
CA PRO A 291 -7.25 6.74 -0.62
C PRO A 291 -6.29 6.04 -1.56
N ALA A 292 -5.02 6.39 -1.46
CA ALA A 292 -3.97 5.80 -2.29
C ALA A 292 -2.60 6.16 -1.72
N SER A 293 -1.59 5.38 -2.08
CA SER A 293 -0.23 5.63 -1.64
C SER A 293 0.34 6.60 -2.67
N LEU A 294 0.37 7.89 -2.33
CA LEU A 294 0.84 8.92 -3.25
C LEU A 294 2.19 9.53 -2.88
N VAL A 295 2.35 9.92 -1.62
CA VAL A 295 3.61 10.47 -1.13
C VAL A 295 3.83 9.67 0.14
N THR A 296 4.71 8.67 0.06
CA THR A 296 4.96 7.80 1.20
C THR A 296 6.19 8.06 2.02
N ALA A 297 6.34 7.23 3.05
CA ALA A 297 7.47 7.27 3.98
C ALA A 297 7.81 5.78 4.12
N LEU A 298 8.24 5.20 3.00
CA LEU A 298 8.53 3.79 2.93
C LEU A 298 7.27 3.05 3.41
N ASP A 299 7.39 2.16 4.40
CA ASP A 299 6.23 1.44 4.87
C ASP A 299 5.57 1.99 6.14
N MET A 300 5.80 3.28 6.41
CA MET A 300 5.23 3.92 7.58
C MET A 300 3.73 3.66 7.73
N LYS A 301 3.32 3.13 8.88
CA LYS A 301 1.91 2.86 9.07
C LYS A 301 1.16 4.10 9.57
N GLY A 302 0.92 5.03 8.65
CA GLY A 302 0.19 6.25 8.97
C GLY A 302 -0.46 6.76 7.69
N PHE A 303 -1.26 7.82 7.79
CA PHE A 303 -1.90 8.38 6.60
C PHE A 303 -1.92 9.89 6.75
N SER A 304 -2.16 10.61 5.66
CA SER A 304 -2.23 12.06 5.75
C SER A 304 -3.48 12.55 5.06
N LEU A 305 -3.97 13.70 5.51
CA LEU A 305 -5.14 14.31 4.92
C LEU A 305 -4.73 15.69 4.42
N THR A 306 -4.90 15.92 3.12
CA THR A 306 -4.58 17.22 2.53
C THR A 306 -5.81 17.90 1.96
N ALA A 307 -6.04 19.14 2.40
CA ALA A 307 -7.18 19.92 1.92
C ALA A 307 -6.63 21.08 1.09
N ILE A 308 -7.18 21.25 -0.11
CA ILE A 308 -6.80 22.35 -0.99
C ILE A 308 -8.07 23.14 -1.30
N VAL A 309 -7.99 24.47 -1.14
CA VAL A 309 -9.14 25.34 -1.39
C VAL A 309 -9.37 25.48 -2.89
N LEU A 310 -10.61 25.25 -3.30
CA LEU A 310 -10.95 25.34 -4.71
C LEU A 310 -11.35 26.76 -5.12
N GLU A 311 -10.36 27.63 -5.24
CA GLU A 311 -10.60 29.00 -5.66
C GLU A 311 -9.92 29.20 -7.01
N GLU A 312 -10.50 30.04 -7.84
CA GLU A 312 -9.93 30.35 -9.14
C GLU A 312 -9.66 29.13 -10.01
N SER A 313 -8.46 29.11 -10.58
CA SER A 313 -8.03 28.05 -11.47
C SER A 313 -7.69 26.71 -10.82
N ILE A 314 -7.59 26.67 -9.51
CA ILE A 314 -7.23 25.44 -8.82
C ILE A 314 -8.04 24.23 -9.30
N GLU A 315 -9.36 24.27 -9.09
CA GLU A 315 -10.21 23.15 -9.47
C GLU A 315 -10.08 22.74 -10.94
N LYS A 316 -10.04 23.71 -11.82
CA LYS A 316 -9.90 23.44 -13.26
C LYS A 316 -8.64 22.62 -13.48
N ALA A 317 -7.55 23.07 -12.88
CA ALA A 317 -6.25 22.41 -13.01
C ALA A 317 -6.17 21.02 -12.36
N LEU A 318 -6.89 20.83 -11.26
CA LEU A 318 -6.86 19.54 -10.61
C LEU A 318 -7.53 18.47 -11.46
N LEU A 319 -8.67 18.83 -12.04
CA LEU A 319 -9.44 17.89 -12.84
C LEU A 319 -8.95 17.57 -14.25
N THR A 320 -7.90 18.24 -14.70
CA THR A 320 -7.40 17.97 -16.04
C THR A 320 -6.66 16.66 -16.08
N GLU A 321 -6.87 15.88 -17.14
CA GLU A 321 -6.18 14.60 -17.24
C GLU A 321 -4.70 14.88 -17.50
N VAL A 322 -3.85 14.01 -16.98
CA VAL A 322 -2.41 14.13 -17.21
C VAL A 322 -1.92 12.74 -17.60
N GLU A 323 -0.64 12.59 -17.89
CA GLU A 323 -0.11 11.29 -18.26
C GLU A 323 1.05 10.89 -17.35
N THR A 324 0.73 10.33 -16.21
CA THR A 324 1.74 9.91 -15.26
C THR A 324 1.46 8.51 -14.73
N SER A 325 2.45 7.90 -14.10
CA SER A 325 2.28 6.56 -13.58
C SER A 325 1.32 6.48 -12.41
N ASN A 326 1.19 7.56 -11.63
CA ASN A 326 0.38 7.45 -10.42
C ASN A 326 -0.63 8.54 -10.06
N TRP A 327 -0.85 9.54 -10.92
CA TRP A 327 -1.84 10.55 -10.54
C TRP A 327 -3.19 9.85 -10.49
N PRO A 328 -3.92 10.07 -9.40
CA PRO A 328 -5.27 9.49 -9.24
C PRO A 328 -6.35 10.48 -9.66
N THR A 329 -7.30 10.01 -10.47
CA THR A 329 -8.38 10.84 -10.93
C THR A 329 -9.32 11.17 -9.78
N PRO A 330 -9.46 12.46 -9.45
CA PRO A 330 -10.33 12.90 -8.35
C PRO A 330 -11.77 12.38 -8.54
N VAL A 331 -12.42 12.07 -7.42
CA VAL A 331 -13.78 11.55 -7.48
C VAL A 331 -14.67 12.20 -6.43
N PRO A 332 -15.89 12.56 -6.79
CA PRO A 332 -16.78 13.17 -5.80
C PRO A 332 -17.15 12.11 -4.79
N PRO A 333 -17.14 12.43 -3.49
CA PRO A 333 -17.51 11.38 -2.54
C PRO A 333 -18.91 10.90 -2.88
N ARG A 334 -19.04 9.63 -3.24
CA ARG A 334 -20.34 9.07 -3.61
C ARG A 334 -21.17 8.84 -2.37
N GLU A 335 -22.49 8.86 -2.52
CA GLU A 335 -23.35 8.60 -1.37
C GLU A 335 -23.54 7.08 -1.36
N ILE A 336 -23.84 6.53 -0.20
CA ILE A 336 -24.00 5.10 -0.08
C ILE A 336 -25.44 4.65 -0.33
N THR A 337 -25.73 4.26 -1.55
CA THR A 337 -27.08 3.81 -1.86
C THR A 337 -27.27 2.38 -1.38
N CYS A 338 -28.48 2.09 -0.95
CA CYS A 338 -28.84 0.79 -0.44
C CYS A 338 -29.93 0.17 -1.35
N VAL A 339 -29.56 -0.89 -2.06
CA VAL A 339 -30.48 -1.57 -2.97
C VAL A 339 -31.37 -2.62 -2.28
N VAL A 340 -32.58 -2.78 -2.79
CA VAL A 340 -33.53 -3.74 -2.23
C VAL A 340 -33.74 -4.85 -3.26
N SER A 341 -33.88 -6.08 -2.79
CA SER A 341 -34.08 -7.21 -3.72
C SER A 341 -35.36 -7.97 -3.41
N SER A 342 -35.73 -8.85 -4.33
CA SER A 342 -36.92 -9.67 -4.16
C SER A 342 -36.52 -11.12 -3.89
N HIS A 343 -36.48 -11.49 -2.61
CA HIS A 343 -36.09 -12.85 -2.27
C HIS A 343 -37.16 -13.71 -1.61
N ALA A 344 -37.42 -14.86 -2.24
CA ALA A 344 -38.41 -15.81 -1.75
C ALA A 344 -37.94 -16.46 -0.43
N SER A 345 -38.89 -16.71 0.46
CA SER A 345 -38.59 -17.31 1.76
C SER A 345 -37.83 -18.61 1.59
N ALA A 346 -36.61 -18.64 2.13
CA ALA A 346 -35.78 -19.83 2.03
C ALA A 346 -36.49 -20.97 2.78
N ARG A 347 -37.09 -20.62 3.92
CA ARG A 347 -37.80 -21.58 4.76
C ARG A 347 -38.58 -22.62 3.96
N VAL A 348 -38.30 -23.89 4.22
CA VAL A 348 -38.99 -24.98 3.53
C VAL A 348 -40.38 -25.20 4.10
N GLU A 349 -41.35 -25.36 3.21
CA GLU A 349 -42.73 -25.58 3.58
C GLU A 349 -43.05 -27.06 3.65
N PHE A 350 -43.98 -27.43 4.54
CA PHE A 350 -44.35 -28.81 4.70
C PHE A 350 -45.60 -28.94 5.56
N GLN A 351 -46.17 -30.14 5.56
CA GLN A 351 -47.35 -30.41 6.35
C GLN A 351 -47.15 -31.75 7.05
N PRO A 352 -47.26 -31.75 8.39
CA PRO A 352 -47.08 -33.00 9.13
C PRO A 352 -47.92 -34.14 8.54
N SER A 353 -47.30 -35.30 8.41
CA SER A 353 -47.96 -36.50 7.87
C SER A 353 -47.37 -37.74 8.53
N ALA A 354 -48.17 -38.79 8.65
CA ALA A 354 -47.70 -40.02 9.26
C ALA A 354 -47.25 -41.04 8.24
N ASN A 355 -46.51 -42.03 8.74
CA ASN A 355 -45.96 -43.13 7.95
C ASN A 355 -45.17 -43.92 8.98
N ALA A 356 -45.79 -44.97 9.50
CA ALA A 356 -45.16 -45.81 10.52
C ALA A 356 -43.77 -46.31 10.16
N LEU A 357 -43.57 -46.69 8.90
CA LEU A 357 -42.27 -47.20 8.46
C LEU A 357 -41.19 -46.14 8.66
N VAL A 358 -41.33 -45.03 7.95
CA VAL A 358 -40.39 -43.93 8.04
C VAL A 358 -40.18 -43.50 9.47
N ALA A 359 -41.27 -43.32 10.21
CA ALA A 359 -41.20 -42.90 11.61
C ALA A 359 -40.33 -43.85 12.43
N GLY A 360 -40.42 -45.13 12.12
CA GLY A 360 -39.63 -46.13 12.82
C GLY A 360 -38.15 -45.96 12.54
N ILE A 361 -37.83 -45.59 11.31
CA ILE A 361 -36.45 -45.37 10.91
C ILE A 361 -35.92 -44.12 11.62
N VAL A 362 -36.65 -43.02 11.45
CA VAL A 362 -36.28 -41.76 12.05
C VAL A 362 -36.08 -41.94 13.55
N GLU A 363 -36.98 -42.65 14.20
CA GLU A 363 -36.86 -42.88 15.65
C GLU A 363 -35.58 -43.65 15.96
N LEU A 364 -35.36 -44.73 15.22
CA LEU A 364 -34.18 -45.58 15.40
C LEU A 364 -32.87 -44.85 15.13
N VAL A 365 -32.78 -44.21 13.96
CA VAL A 365 -31.57 -43.48 13.62
C VAL A 365 -31.32 -42.42 14.69
N THR A 366 -32.37 -41.68 14.99
CA THR A 366 -32.37 -40.62 15.97
C THR A 366 -31.89 -41.05 17.36
N ALA A 367 -32.41 -42.17 17.84
CA ALA A 367 -32.03 -42.68 19.16
C ALA A 367 -30.57 -43.11 19.20
N THR A 368 -30.19 -43.96 18.24
CA THR A 368 -28.82 -44.46 18.16
C THR A 368 -27.79 -43.34 18.29
N LEU A 369 -27.96 -42.27 17.51
CA LEU A 369 -27.03 -41.15 17.58
C LEU A 369 -27.08 -40.51 18.95
N SER A 370 -28.29 -40.30 19.47
CA SER A 370 -28.43 -39.67 20.77
C SER A 370 -27.73 -40.46 21.87
N ASP A 371 -27.92 -41.78 21.86
CA ASP A 371 -27.31 -42.65 22.85
C ASP A 371 -25.78 -42.62 22.85
N LEU A 372 -25.20 -42.40 21.67
CA LEU A 372 -23.75 -42.40 21.50
C LEU A 372 -23.01 -41.12 21.91
N GLU A 373 -23.72 -40.12 22.43
CA GLU A 373 -23.08 -38.86 22.78
C GLU A 373 -21.75 -38.90 23.51
N THR A 374 -21.74 -39.44 24.72
CA THR A 374 -20.51 -39.50 25.47
C THR A 374 -19.41 -40.36 24.84
N HIS A 375 -19.79 -41.47 24.22
CA HIS A 375 -18.80 -42.33 23.58
C HIS A 375 -18.14 -41.62 22.40
N LEU A 376 -18.96 -40.92 21.61
CA LEU A 376 -18.42 -40.20 20.46
C LEU A 376 -17.57 -39.00 20.88
N ASN A 377 -17.86 -38.43 22.04
CA ASN A 377 -17.05 -37.31 22.53
C ASN A 377 -15.69 -37.84 22.96
N ALA A 378 -15.72 -38.99 23.62
CA ALA A 378 -14.50 -39.64 24.09
C ALA A 378 -13.58 -39.89 22.90
N LEU A 379 -14.12 -40.44 21.82
CA LEU A 379 -13.32 -40.70 20.64
C LEU A 379 -12.81 -39.40 20.04
N ASP A 380 -13.67 -38.40 20.02
CA ASP A 380 -13.29 -37.11 19.44
C ASP A 380 -12.25 -36.38 20.29
N ALA A 381 -12.30 -36.61 21.60
CA ALA A 381 -11.36 -35.96 22.53
C ALA A 381 -9.90 -36.34 22.26
N LYS A 382 -9.67 -37.54 21.73
CA LYS A 382 -8.33 -38.02 21.43
C LYS A 382 -7.49 -37.01 20.64
N VAL A 383 -8.04 -36.51 19.54
CA VAL A 383 -7.33 -35.54 18.73
C VAL A 383 -8.20 -34.31 18.44
N GLY A 384 -9.51 -34.54 18.31
CA GLY A 384 -10.44 -33.45 18.03
C GLY A 384 -10.76 -32.63 19.28
N ASP A 385 -11.96 -32.05 19.32
CA ASP A 385 -12.35 -31.23 20.46
C ASP A 385 -13.26 -31.95 21.45
N GLY A 386 -13.46 -33.25 21.22
CA GLY A 386 -14.30 -34.05 22.10
C GLY A 386 -15.75 -33.59 22.22
N ASP A 387 -16.32 -33.09 21.13
CA ASP A 387 -17.71 -32.62 21.14
C ASP A 387 -18.58 -33.22 20.03
N THR A 388 -17.97 -33.90 19.06
CA THR A 388 -18.71 -34.51 17.96
C THR A 388 -19.95 -35.26 18.44
N GLY A 389 -19.82 -35.98 19.56
CA GLY A 389 -20.96 -36.71 20.08
C GLY A 389 -22.11 -35.76 20.40
N SER A 390 -21.78 -34.66 21.07
CA SER A 390 -22.79 -33.67 21.44
C SER A 390 -23.38 -32.97 20.23
N THR A 391 -22.52 -32.66 19.25
CA THR A 391 -22.98 -32.00 18.03
C THR A 391 -23.98 -32.89 17.31
N PHE A 392 -23.62 -34.16 17.15
CA PHE A 392 -24.50 -35.13 16.49
C PHE A 392 -25.75 -35.38 17.31
N ALA A 393 -25.59 -35.42 18.63
CA ALA A 393 -26.73 -35.63 19.52
C ALA A 393 -27.69 -34.45 19.40
N ALA A 394 -27.13 -33.26 19.27
CA ALA A 394 -27.92 -32.05 19.15
C ALA A 394 -28.86 -32.16 17.95
N ALA A 395 -28.33 -32.63 16.83
CA ALA A 395 -29.13 -32.78 15.63
C ALA A 395 -30.13 -33.92 15.75
N ALA A 396 -29.68 -35.03 16.32
CA ALA A 396 -30.58 -36.18 16.49
C ALA A 396 -31.81 -35.76 17.29
N ARG A 397 -31.59 -35.20 18.48
CA ARG A 397 -32.68 -34.77 19.35
C ARG A 397 -33.61 -33.75 18.70
N GLU A 398 -33.05 -32.88 17.87
CA GLU A 398 -33.86 -31.87 17.20
C GLU A 398 -34.84 -32.56 16.27
N ILE A 399 -34.38 -33.56 15.55
CA ILE A 399 -35.25 -34.28 14.63
C ILE A 399 -36.17 -35.24 15.40
N ALA A 400 -35.67 -35.72 16.55
CA ALA A 400 -36.44 -36.63 17.40
C ALA A 400 -37.61 -35.87 17.99
N SER A 401 -37.31 -34.66 18.48
CA SER A 401 -38.32 -33.79 19.06
C SER A 401 -39.42 -33.59 18.02
N LEU A 402 -39.06 -33.04 16.87
CA LEU A 402 -40.03 -32.82 15.81
C LEU A 402 -40.84 -34.09 15.57
N LEU A 403 -40.15 -35.24 15.57
CA LEU A 403 -40.84 -36.50 15.38
C LEU A 403 -41.87 -36.71 16.50
N HIS A 404 -41.40 -36.59 17.74
CA HIS A 404 -42.25 -36.79 18.91
C HIS A 404 -43.42 -35.79 19.02
N ARG A 405 -43.29 -34.64 18.35
CA ARG A 405 -44.34 -33.63 18.37
C ARG A 405 -45.20 -33.74 17.11
N GLN A 406 -45.17 -34.91 16.47
CA GLN A 406 -45.92 -35.15 15.24
C GLN A 406 -45.77 -34.00 14.25
N GLN A 407 -44.58 -33.42 14.19
CA GLN A 407 -44.32 -32.28 13.32
C GLN A 407 -43.60 -32.59 12.00
N LEU A 408 -43.23 -33.85 11.78
CA LEU A 408 -42.50 -34.23 10.57
C LEU A 408 -43.38 -34.66 9.40
N PRO A 409 -42.99 -34.27 8.17
CA PRO A 409 -43.74 -34.63 6.96
C PRO A 409 -43.32 -36.05 6.58
N LEU A 410 -43.42 -36.95 7.55
CA LEU A 410 -43.05 -38.35 7.40
C LEU A 410 -43.50 -39.05 6.12
N ASN A 411 -44.59 -38.60 5.52
CA ASN A 411 -45.09 -39.26 4.32
C ASN A 411 -44.48 -38.79 3.00
N ASN A 412 -43.52 -37.87 3.09
CA ASN A 412 -42.85 -37.37 1.90
C ASN A 412 -41.38 -37.18 2.20
N LEU A 413 -40.58 -38.18 1.83
CA LEU A 413 -39.13 -38.14 2.06
C LEU A 413 -38.47 -36.87 1.54
N ALA A 414 -38.76 -36.51 0.29
CA ALA A 414 -38.17 -35.32 -0.32
C ALA A 414 -38.28 -34.11 0.61
N THR A 415 -39.50 -33.81 1.02
CA THR A 415 -39.74 -32.68 1.92
C THR A 415 -39.15 -32.96 3.29
N LEU A 416 -39.19 -34.23 3.72
CA LEU A 416 -38.62 -34.60 5.01
C LEU A 416 -37.14 -34.31 5.02
N PHE A 417 -36.43 -34.79 4.01
CA PHE A 417 -34.99 -34.55 3.93
C PHE A 417 -34.72 -33.06 3.90
N ALA A 418 -35.45 -32.36 3.02
CA ALA A 418 -35.30 -30.92 2.89
C ALA A 418 -35.49 -30.24 4.24
N LEU A 419 -36.41 -30.77 5.04
CA LEU A 419 -36.67 -30.17 6.35
C LEU A 419 -35.51 -30.42 7.32
N ILE A 420 -34.98 -31.63 7.30
CA ILE A 420 -33.85 -31.98 8.16
C ILE A 420 -32.66 -31.13 7.73
N GLY A 421 -32.45 -31.07 6.41
CA GLY A 421 -31.35 -30.29 5.87
C GLY A 421 -31.39 -28.86 6.35
N GLU A 422 -32.60 -28.34 6.49
CA GLU A 422 -32.77 -26.98 6.93
C GLU A 422 -32.53 -26.81 8.43
N ARG A 423 -32.98 -27.79 9.20
CA ARG A 423 -32.85 -27.72 10.65
C ARG A 423 -31.52 -28.08 11.31
N LEU A 424 -30.74 -28.97 10.70
CA LEU A 424 -29.48 -29.39 11.30
C LEU A 424 -28.49 -28.29 11.64
N THR A 425 -28.11 -27.45 10.67
CA THR A 425 -27.15 -26.38 10.94
C THR A 425 -27.58 -25.43 12.04
N VAL A 426 -28.90 -25.32 12.23
CA VAL A 426 -29.41 -24.44 13.27
C VAL A 426 -29.11 -24.99 14.65
N VAL A 427 -29.13 -26.32 14.78
CA VAL A 427 -28.88 -26.96 16.06
C VAL A 427 -27.46 -27.51 16.18
N MET A 428 -26.83 -27.78 15.03
CA MET A 428 -25.48 -28.31 14.99
C MET A 428 -24.52 -27.21 14.60
N GLY A 429 -23.63 -26.83 15.51
CA GLY A 429 -22.67 -25.79 15.19
C GLY A 429 -21.52 -26.39 14.43
N GLY A 430 -20.70 -25.54 13.82
CA GLY A 430 -19.53 -26.02 13.10
C GLY A 430 -19.78 -26.79 11.81
N SER A 431 -18.67 -27.14 11.16
CA SER A 431 -18.68 -27.87 9.90
C SER A 431 -19.55 -29.12 9.89
N SER A 432 -19.69 -29.79 11.02
CA SER A 432 -20.51 -30.99 11.06
C SER A 432 -21.95 -30.65 10.68
N GLY A 433 -22.47 -29.58 11.28
CA GLY A 433 -23.82 -29.17 10.99
C GLY A 433 -23.99 -28.81 9.52
N VAL A 434 -23.06 -28.05 8.98
CA VAL A 434 -23.13 -27.63 7.58
C VAL A 434 -23.05 -28.81 6.64
N LEU A 435 -22.11 -29.71 6.90
CA LEU A 435 -21.95 -30.88 6.06
C LEU A 435 -23.22 -31.72 6.06
N MET A 436 -23.76 -32.01 7.23
CA MET A 436 -24.98 -32.80 7.30
C MET A 436 -26.15 -32.08 6.59
N SER A 437 -26.21 -30.76 6.71
CA SER A 437 -27.27 -30.01 6.05
C SER A 437 -27.08 -30.13 4.55
N ILE A 438 -25.83 -30.06 4.11
CA ILE A 438 -25.54 -30.20 2.70
C ILE A 438 -26.04 -31.57 2.23
N PHE A 439 -25.66 -32.60 2.97
CA PHE A 439 -26.04 -33.96 2.66
C PHE A 439 -27.54 -34.09 2.42
N PHE A 440 -28.33 -33.81 3.46
CA PHE A 440 -29.78 -33.93 3.34
C PHE A 440 -30.44 -32.99 2.33
N THR A 441 -29.93 -31.77 2.22
CA THR A 441 -30.50 -30.80 1.28
C THR A 441 -30.38 -31.34 -0.14
N ALA A 442 -29.18 -31.77 -0.50
CA ALA A 442 -28.92 -32.32 -1.82
C ALA A 442 -29.68 -33.64 -2.00
N ALA A 443 -29.80 -34.41 -0.92
CA ALA A 443 -30.50 -35.69 -0.99
C ALA A 443 -31.98 -35.42 -1.22
N GLY A 444 -32.52 -34.50 -0.44
CA GLY A 444 -33.92 -34.16 -0.55
C GLY A 444 -34.26 -33.71 -1.96
N GLN A 445 -33.32 -33.05 -2.60
CA GLN A 445 -33.53 -32.57 -3.96
C GLN A 445 -33.41 -33.66 -5.00
N LYS A 446 -32.57 -34.66 -4.75
CA LYS A 446 -32.43 -35.74 -5.69
C LYS A 446 -33.73 -36.52 -5.68
N LEU A 447 -34.33 -36.64 -4.49
CA LEU A 447 -35.61 -37.33 -4.34
C LEU A 447 -36.69 -36.54 -5.08
N GLU A 448 -36.62 -35.21 -4.98
CA GLU A 448 -37.61 -34.36 -5.64
C GLU A 448 -37.60 -34.62 -7.14
N GLN A 449 -36.45 -35.02 -7.66
CA GLN A 449 -36.31 -35.34 -9.08
C GLN A 449 -36.79 -36.76 -9.31
N GLY A 450 -37.38 -37.36 -8.28
CA GLY A 450 -37.90 -38.71 -8.38
C GLY A 450 -36.89 -39.85 -8.39
N ALA A 451 -35.85 -39.76 -7.58
CA ALA A 451 -34.85 -40.81 -7.51
C ALA A 451 -35.19 -41.67 -6.31
N ASN A 452 -34.65 -42.87 -6.23
CA ASN A 452 -34.93 -43.71 -5.08
C ASN A 452 -34.03 -43.23 -3.95
N VAL A 453 -34.37 -43.61 -2.72
CA VAL A 453 -33.62 -43.20 -1.55
C VAL A 453 -32.11 -43.38 -1.62
N VAL A 454 -31.67 -44.58 -1.98
CA VAL A 454 -30.23 -44.83 -2.07
C VAL A 454 -29.54 -43.91 -3.07
N GLU A 455 -30.21 -43.61 -4.17
CA GLU A 455 -29.62 -42.72 -5.17
C GLU A 455 -29.46 -41.33 -4.59
N ALA A 456 -30.51 -40.87 -3.91
CA ALA A 456 -30.51 -39.54 -3.31
C ALA A 456 -29.43 -39.44 -2.23
N LEU A 457 -29.32 -40.48 -1.40
CA LEU A 457 -28.34 -40.51 -0.34
C LEU A 457 -26.92 -40.44 -0.89
N ASN A 458 -26.72 -41.07 -2.04
CA ASN A 458 -25.41 -41.05 -2.69
C ASN A 458 -25.11 -39.69 -3.26
N THR A 459 -26.14 -38.99 -3.75
CA THR A 459 -25.93 -37.65 -4.28
C THR A 459 -25.56 -36.77 -3.10
N GLY A 460 -26.21 -37.02 -1.95
CA GLY A 460 -25.91 -36.25 -0.75
C GLY A 460 -24.44 -36.41 -0.40
N LEU A 461 -23.96 -37.66 -0.46
CA LEU A 461 -22.56 -37.99 -0.17
C LEU A 461 -21.64 -37.27 -1.16
N ALA A 462 -21.97 -37.36 -2.44
CA ALA A 462 -21.19 -36.73 -3.49
C ALA A 462 -21.02 -35.23 -3.28
N GLN A 463 -22.11 -34.57 -2.84
CA GLN A 463 -22.06 -33.14 -2.59
C GLN A 463 -21.27 -32.86 -1.32
N MET A 464 -21.42 -33.72 -0.33
CA MET A 464 -20.70 -33.53 0.91
C MET A 464 -19.19 -33.60 0.60
N LYS A 465 -18.82 -34.49 -0.32
CA LYS A 465 -17.40 -34.64 -0.67
C LYS A 465 -16.87 -33.46 -1.48
N PHE A 466 -17.68 -32.96 -2.40
CA PHE A 466 -17.27 -31.84 -3.23
C PHE A 466 -16.92 -30.60 -2.40
N TYR A 467 -17.82 -30.21 -1.51
CA TYR A 467 -17.63 -29.04 -0.68
C TYR A 467 -16.69 -29.33 0.48
N GLY A 468 -16.90 -30.47 1.14
CA GLY A 468 -16.09 -30.84 2.27
C GLY A 468 -14.64 -31.12 1.90
N GLY A 469 -14.41 -31.56 0.67
CA GLY A 469 -13.06 -31.86 0.22
C GLY A 469 -12.48 -33.19 0.67
N ALA A 470 -13.19 -33.91 1.54
CA ALA A 470 -12.68 -35.19 2.04
C ALA A 470 -12.90 -36.34 1.08
N ASP A 471 -12.03 -37.35 1.20
CA ASP A 471 -12.09 -38.54 0.37
C ASP A 471 -12.03 -39.78 1.25
N GLU A 472 -12.30 -40.93 0.65
CA GLU A 472 -12.23 -42.16 1.43
C GLU A 472 -10.79 -42.33 1.87
N GLY A 473 -10.59 -42.48 3.17
CA GLY A 473 -9.26 -42.62 3.70
C GLY A 473 -8.82 -41.42 4.51
N ASP A 474 -9.57 -40.32 4.45
CA ASP A 474 -9.19 -39.12 5.19
C ASP A 474 -9.67 -39.14 6.64
N ARG A 475 -10.29 -40.24 7.04
CA ARG A 475 -10.74 -40.40 8.42
C ARG A 475 -11.97 -39.59 8.87
N THR A 476 -12.99 -39.56 8.02
CA THR A 476 -14.24 -38.88 8.38
C THR A 476 -15.37 -39.87 8.17
N MET A 477 -16.58 -39.48 8.57
CA MET A 477 -17.72 -40.37 8.41
C MET A 477 -17.82 -40.95 6.99
N ILE A 478 -17.22 -40.25 6.02
CA ILE A 478 -17.25 -40.70 4.64
C ILE A 478 -16.71 -42.13 4.53
N ASP A 479 -15.66 -42.42 5.30
CA ASP A 479 -15.05 -43.75 5.27
C ASP A 479 -15.98 -44.91 5.58
N ALA A 480 -17.08 -44.62 6.25
CA ALA A 480 -18.05 -45.66 6.57
C ALA A 480 -19.31 -45.47 5.71
N LEU A 481 -19.65 -44.22 5.43
CA LEU A 481 -20.85 -43.90 4.65
C LEU A 481 -20.79 -44.40 3.22
N GLN A 482 -19.72 -44.04 2.51
CA GLN A 482 -19.58 -44.46 1.12
C GLN A 482 -19.69 -45.97 0.95
N PRO A 483 -18.91 -46.74 1.71
CA PRO A 483 -18.97 -48.20 1.60
C PRO A 483 -20.41 -48.67 1.73
N ALA A 484 -21.10 -48.14 2.74
CA ALA A 484 -22.48 -48.49 3.01
C ALA A 484 -23.40 -48.12 1.86
N LEU A 485 -23.26 -46.90 1.34
CA LEU A 485 -24.12 -46.45 0.25
C LEU A 485 -23.83 -47.23 -1.01
N THR A 486 -22.59 -47.68 -1.16
CA THR A 486 -22.24 -48.46 -2.33
C THR A 486 -22.83 -49.85 -2.15
N SER A 487 -22.72 -50.40 -0.95
CA SER A 487 -23.27 -51.72 -0.68
C SER A 487 -24.76 -51.74 -1.03
N LEU A 488 -25.50 -50.74 -0.54
CA LEU A 488 -26.92 -50.63 -0.78
C LEU A 488 -27.27 -50.43 -2.26
N LEU A 489 -26.38 -49.79 -3.00
CA LEU A 489 -26.62 -49.54 -4.41
C LEU A 489 -26.66 -50.85 -5.20
N ALA A 490 -26.00 -51.87 -4.67
CA ALA A 490 -25.96 -53.17 -5.31
C ALA A 490 -27.02 -54.09 -4.68
N GLN A 491 -27.18 -53.97 -3.37
CA GLN A 491 -28.16 -54.75 -2.64
C GLN A 491 -29.04 -53.82 -1.82
N PRO A 492 -29.95 -53.11 -2.50
CA PRO A 492 -30.93 -52.13 -2.01
C PRO A 492 -31.66 -52.47 -0.72
N LYS A 493 -31.77 -53.77 -0.43
CA LYS A 493 -32.49 -54.21 0.74
C LYS A 493 -31.64 -54.96 1.75
N ASN A 494 -30.39 -55.24 1.41
CA ASN A 494 -29.49 -55.96 2.32
C ASN A 494 -28.83 -55.02 3.34
N LEU A 495 -29.52 -54.74 4.44
CA LEU A 495 -29.00 -53.86 5.46
C LEU A 495 -27.80 -54.42 6.20
N GLN A 496 -27.71 -55.74 6.29
CA GLN A 496 -26.59 -56.37 6.98
C GLN A 496 -25.30 -56.09 6.23
N ALA A 497 -25.38 -56.17 4.90
CA ALA A 497 -24.22 -55.93 4.06
C ALA A 497 -23.75 -54.48 4.20
N ALA A 498 -24.69 -53.56 4.17
CA ALA A 498 -24.40 -52.14 4.29
C ALA A 498 -23.63 -51.87 5.59
N PHE A 499 -24.15 -52.41 6.68
CA PHE A 499 -23.51 -52.23 7.98
C PHE A 499 -22.10 -52.77 7.94
N ASP A 500 -21.96 -54.02 7.51
CA ASP A 500 -20.66 -54.63 7.44
C ASP A 500 -19.67 -53.77 6.67
N ALA A 501 -20.12 -53.18 5.57
CA ALA A 501 -19.25 -52.33 4.77
C ALA A 501 -18.84 -51.11 5.58
N ALA A 502 -19.83 -50.44 6.16
CA ALA A 502 -19.58 -49.25 6.96
C ALA A 502 -18.60 -49.60 8.08
N GLN A 503 -18.86 -50.73 8.73
CA GLN A 503 -18.04 -51.19 9.85
C GLN A 503 -16.57 -51.37 9.44
N ALA A 504 -16.34 -51.92 8.25
CA ALA A 504 -14.97 -52.12 7.76
C ALA A 504 -14.32 -50.75 7.59
N GLY A 505 -15.06 -49.84 6.98
CA GLY A 505 -14.56 -48.50 6.76
C GLY A 505 -14.24 -47.79 8.05
N ALA A 506 -15.09 -47.95 9.07
CA ALA A 506 -14.83 -47.31 10.35
C ALA A 506 -13.55 -47.90 10.92
N GLU A 507 -13.40 -49.21 10.77
CA GLU A 507 -12.21 -49.89 11.26
C GLU A 507 -10.97 -49.37 10.58
N ARG A 508 -11.06 -49.07 9.27
CA ARG A 508 -9.90 -48.54 8.56
C ARG A 508 -9.41 -47.23 9.17
N THR A 509 -10.32 -46.43 9.72
CA THR A 509 -9.92 -45.15 10.32
C THR A 509 -9.12 -45.34 11.59
N CYS A 510 -9.20 -46.51 12.19
CA CYS A 510 -8.44 -46.77 13.41
C CYS A 510 -6.98 -46.97 13.07
N LEU A 511 -6.73 -47.49 11.86
CA LEU A 511 -5.37 -47.74 11.43
C LEU A 511 -4.62 -46.47 11.07
N SER A 512 -5.16 -45.71 10.13
CA SER A 512 -4.51 -44.47 9.68
C SER A 512 -4.50 -43.34 10.70
N SER A 513 -4.86 -43.65 11.94
CA SER A 513 -4.86 -42.64 12.99
C SER A 513 -3.44 -42.22 13.37
N LYS A 514 -3.10 -40.97 13.06
CA LYS A 514 -1.77 -40.44 13.37
C LYS A 514 -1.60 -40.32 14.89
N ALA A 515 -2.51 -39.59 15.52
CA ALA A 515 -2.46 -39.39 16.97
C ALA A 515 -2.32 -40.73 17.68
N ASN A 516 -1.14 -40.97 18.24
CA ASN A 516 -0.85 -42.21 18.96
C ASN A 516 0.62 -42.20 19.43
N ALA A 517 1.20 -41.00 19.48
CA ALA A 517 2.59 -40.82 19.91
C ALA A 517 2.84 -41.41 21.29
N GLU A 526 -2.86 -51.50 21.19
CA GLU A 526 -3.51 -52.80 21.31
C GLU A 526 -4.62 -52.96 20.27
N SER A 527 -5.87 -52.78 20.71
CA SER A 527 -7.04 -52.90 19.84
C SER A 527 -7.28 -51.66 18.95
N LEU A 528 -6.66 -50.54 19.31
CA LEU A 528 -6.77 -49.29 18.57
C LEU A 528 -8.20 -48.79 18.34
N LEU A 529 -9.16 -49.27 19.12
CA LEU A 529 -10.55 -48.84 18.99
C LEU A 529 -10.76 -47.42 19.53
N GLY A 530 -9.73 -46.90 20.19
CA GLY A 530 -9.80 -45.55 20.74
C GLY A 530 -9.31 -44.52 19.74
N ASN A 531 -8.86 -45.01 18.58
CA ASN A 531 -8.37 -44.14 17.51
C ASN A 531 -9.40 -44.08 16.39
N MET A 532 -10.62 -44.54 16.66
CA MET A 532 -11.66 -44.54 15.64
C MET A 532 -12.27 -43.16 15.49
N ASP A 533 -12.50 -42.76 14.24
CA ASP A 533 -13.10 -41.46 13.98
C ASP A 533 -14.56 -41.52 14.43
N PRO A 534 -15.02 -40.51 15.19
CA PRO A 534 -16.40 -40.48 15.68
C PRO A 534 -17.43 -40.52 14.53
N GLY A 535 -17.18 -39.74 13.49
CA GLY A 535 -18.08 -39.71 12.37
C GLY A 535 -18.35 -41.10 11.82
N ALA A 536 -17.28 -41.80 11.45
CA ALA A 536 -17.39 -43.14 10.90
C ALA A 536 -18.12 -44.08 11.85
N GLN A 537 -17.67 -44.11 13.09
CA GLN A 537 -18.30 -44.99 14.10
C GLN A 537 -19.80 -44.70 14.20
N ARG A 538 -20.15 -43.42 14.31
CA ARG A 538 -21.56 -43.04 14.42
C ARG A 538 -22.35 -43.60 13.24
N LEU A 539 -21.73 -43.51 12.08
CA LEU A 539 -22.34 -43.98 10.86
C LEU A 539 -22.51 -45.49 10.88
N ALA A 540 -21.47 -46.18 11.29
CA ALA A 540 -21.50 -47.63 11.36
C ALA A 540 -22.55 -48.11 12.36
N MET A 541 -22.70 -47.41 13.47
CA MET A 541 -23.67 -47.82 14.45
C MET A 541 -25.10 -47.59 13.94
N VAL A 542 -25.27 -46.55 13.13
CA VAL A 542 -26.58 -46.28 12.58
C VAL A 542 -27.00 -47.46 11.72
N PHE A 543 -26.16 -47.84 10.76
CA PHE A 543 -26.49 -48.96 9.92
C PHE A 543 -26.64 -50.26 10.69
N LYS A 544 -25.81 -50.44 11.71
CA LYS A 544 -25.88 -51.62 12.54
C LYS A 544 -27.29 -51.69 13.13
N ALA A 545 -27.78 -50.56 13.61
CA ALA A 545 -29.11 -50.50 14.19
C ALA A 545 -30.17 -50.83 13.14
N LEU A 546 -29.99 -50.30 11.93
CA LEU A 546 -30.94 -50.56 10.88
C LEU A 546 -30.98 -52.04 10.53
N ALA A 547 -29.80 -52.63 10.40
CA ALA A 547 -29.70 -54.04 10.05
C ALA A 547 -30.28 -54.97 11.11
N GLU A 548 -30.20 -54.54 12.37
CA GLU A 548 -30.71 -55.36 13.48
C GLU A 548 -32.23 -55.23 13.67
N SER A 549 -32.87 -54.43 12.84
CA SER A 549 -34.31 -54.24 12.94
C SER A 549 -34.98 -55.00 11.80
N GLU A 550 -34.17 -55.74 11.05
CA GLU A 550 -34.67 -56.53 9.92
C GLU A 550 -34.17 -57.97 10.01
N MET B 1 -2.15 -3.29 22.46
CA MET B 1 -1.53 -4.26 21.56
C MET B 1 -1.99 -4.03 20.13
N SER B 2 -3.30 -3.86 19.96
CA SER B 2 -3.89 -3.60 18.66
C SER B 2 -3.29 -2.35 18.00
N GLN B 3 -2.68 -2.52 16.83
CA GLN B 3 -2.10 -1.42 16.06
C GLN B 3 -2.94 -1.39 14.78
N PHE B 4 -4.16 -0.89 14.89
CA PHE B 4 -5.10 -0.89 13.76
C PHE B 4 -6.04 0.32 13.79
N PHE B 5 -6.25 0.97 12.66
CA PHE B 5 -7.17 2.10 12.64
C PHE B 5 -8.58 1.56 12.43
N PHE B 6 -9.44 1.70 13.44
CA PHE B 6 -10.83 1.28 13.35
C PHE B 6 -11.63 1.91 14.49
N ASN B 7 -12.94 1.78 14.44
CA ASN B 7 -13.82 2.35 15.46
C ASN B 7 -14.45 1.22 16.27
N GLN B 8 -15.69 0.86 15.94
CA GLN B 8 -16.35 -0.26 16.62
C GLN B 8 -15.92 -1.56 15.94
N ARG B 9 -15.40 -2.51 16.71
CA ARG B 9 -14.98 -3.77 16.12
C ARG B 9 -16.11 -4.42 15.32
N THR B 10 -17.31 -4.45 15.88
CA THR B 10 -18.43 -5.08 15.19
C THR B 10 -18.85 -4.37 13.89
N HIS B 11 -18.48 -3.11 13.71
CA HIS B 11 -18.85 -2.38 12.50
C HIS B 11 -17.71 -2.30 11.49
N LEU B 12 -16.56 -2.89 11.86
CA LEU B 12 -15.35 -2.89 11.04
C LEU B 12 -15.59 -3.13 9.54
N VAL B 13 -16.04 -4.33 9.20
CA VAL B 13 -16.28 -4.67 7.80
C VAL B 13 -17.29 -3.73 7.15
N SER B 14 -18.35 -3.40 7.87
CA SER B 14 -19.34 -2.49 7.31
C SER B 14 -18.71 -1.14 7.00
N ASP B 15 -17.88 -0.65 7.89
CA ASP B 15 -17.23 0.62 7.67
C ASP B 15 -16.31 0.57 6.43
N VAL B 16 -15.66 -0.57 6.22
CA VAL B 16 -14.76 -0.73 5.06
C VAL B 16 -15.58 -0.63 3.77
N ILE B 17 -16.74 -1.27 3.77
CA ILE B 17 -17.65 -1.27 2.63
C ILE B 17 -18.06 0.16 2.32
N ASP B 18 -18.53 0.90 3.32
CA ASP B 18 -18.94 2.29 3.14
C ASP B 18 -17.81 3.10 2.50
N GLY B 19 -16.61 2.93 3.01
CA GLY B 19 -15.48 3.65 2.45
C GLY B 19 -15.22 3.27 1.01
N ALA B 20 -15.39 1.99 0.68
CA ALA B 20 -15.14 1.53 -0.69
C ALA B 20 -16.09 2.17 -1.67
N ILE B 21 -17.33 2.33 -1.23
CA ILE B 21 -18.37 2.90 -2.04
C ILE B 21 -18.13 4.43 -2.20
N ILE B 22 -17.87 5.09 -1.07
CA ILE B 22 -17.62 6.53 -1.07
C ILE B 22 -16.54 6.88 -2.10
N ALA B 23 -15.60 5.97 -2.31
CA ALA B 23 -14.50 6.24 -3.25
C ALA B 23 -14.65 5.57 -4.61
N SER B 24 -15.79 4.95 -4.85
CA SER B 24 -16.05 4.28 -6.11
C SER B 24 -15.84 5.16 -7.36
N PRO B 25 -14.84 4.83 -8.19
CA PRO B 25 -14.56 5.60 -9.40
C PRO B 25 -15.78 5.65 -10.34
N TRP B 26 -16.43 4.51 -10.52
CA TRP B 26 -17.58 4.40 -11.40
C TRP B 26 -18.91 4.66 -10.71
N ASN B 27 -18.90 4.67 -9.38
CA ASN B 27 -20.13 4.90 -8.64
C ASN B 27 -21.13 3.84 -9.05
N ASN B 28 -20.62 2.64 -9.27
CA ASN B 28 -21.43 1.51 -9.70
C ASN B 28 -21.59 0.47 -8.60
N LEU B 29 -21.37 0.88 -7.35
CA LEU B 29 -21.48 -0.06 -6.25
C LEU B 29 -22.61 0.34 -5.32
N ALA B 30 -23.25 -0.65 -4.73
CA ALA B 30 -24.34 -0.37 -3.82
C ALA B 30 -24.47 -1.48 -2.78
N ARG B 31 -24.76 -1.11 -1.54
CA ARG B 31 -24.94 -2.11 -0.51
C ARG B 31 -26.32 -2.71 -0.74
N LEU B 32 -26.54 -3.91 -0.24
CA LEU B 32 -27.81 -4.58 -0.40
C LEU B 32 -28.52 -4.53 0.95
N GLU B 33 -29.74 -4.00 0.97
CA GLU B 33 -30.50 -3.92 2.21
C GLU B 33 -30.61 -5.33 2.75
N SER B 34 -30.34 -5.48 4.05
CA SER B 34 -30.37 -6.79 4.68
C SER B 34 -30.15 -6.68 6.17
N ASP B 35 -30.12 -7.83 6.85
CA ASP B 35 -29.86 -7.86 8.28
C ASP B 35 -28.43 -7.35 8.42
N PRO B 36 -28.12 -6.67 9.53
CA PRO B 36 -26.77 -6.15 9.76
C PRO B 36 -25.67 -7.22 9.67
N ALA B 37 -26.03 -8.46 9.94
CA ALA B 37 -25.07 -9.56 9.89
C ALA B 37 -24.78 -10.05 8.46
N ILE B 38 -25.46 -9.48 7.48
CA ILE B 38 -25.22 -9.85 6.10
C ILE B 38 -24.59 -8.63 5.45
N ARG B 39 -23.40 -8.81 4.87
CA ARG B 39 -22.69 -7.71 4.24
C ARG B 39 -22.43 -7.98 2.77
N ILE B 40 -23.38 -7.60 1.94
CA ILE B 40 -23.31 -7.79 0.50
C ILE B 40 -23.23 -6.48 -0.29
N VAL B 41 -22.30 -6.43 -1.23
CA VAL B 41 -22.14 -5.27 -2.08
C VAL B 41 -22.48 -5.77 -3.46
N VAL B 42 -23.28 -5.00 -4.18
CA VAL B 42 -23.68 -5.40 -5.51
C VAL B 42 -23.54 -4.24 -6.46
N ARG B 43 -23.51 -4.56 -7.76
CA ARG B 43 -23.39 -3.53 -8.78
C ARG B 43 -24.75 -2.93 -9.12
N ARG B 44 -24.76 -1.66 -9.50
CA ARG B 44 -25.99 -0.98 -9.87
C ARG B 44 -26.34 -1.29 -11.33
N ASP B 45 -25.37 -1.88 -12.04
CA ASP B 45 -25.53 -2.28 -13.43
C ASP B 45 -26.21 -3.63 -13.53
N LEU B 46 -27.03 -3.97 -12.53
CA LEU B 46 -27.67 -5.28 -12.56
C LEU B 46 -28.39 -5.65 -13.85
N ASN B 47 -27.80 -6.58 -14.60
CA ASN B 47 -28.41 -7.07 -15.84
C ASN B 47 -28.60 -8.58 -15.73
N LYS B 48 -29.68 -8.98 -15.06
CA LYS B 48 -29.98 -10.39 -14.85
C LYS B 48 -30.12 -11.25 -16.11
N ASN B 49 -29.98 -10.65 -17.28
CA ASN B 49 -30.08 -11.43 -18.51
C ASN B 49 -28.77 -12.20 -18.67
N ASN B 50 -27.68 -11.63 -18.15
CA ASN B 50 -26.39 -12.29 -18.22
C ASN B 50 -26.17 -13.13 -16.96
N VAL B 51 -25.21 -14.04 -17.03
CA VAL B 51 -24.91 -14.89 -15.89
C VAL B 51 -24.23 -14.08 -14.80
N ALA B 52 -24.68 -14.30 -13.56
CA ALA B 52 -24.10 -13.59 -12.43
C ALA B 52 -22.84 -14.29 -11.95
N VAL B 53 -21.81 -13.51 -11.64
CA VAL B 53 -20.54 -14.03 -11.14
C VAL B 53 -20.39 -13.51 -9.70
N ILE B 54 -20.67 -14.34 -8.70
CA ILE B 54 -20.58 -13.94 -7.29
C ILE B 54 -19.31 -14.43 -6.63
N SER B 55 -18.75 -13.62 -5.74
CA SER B 55 -17.57 -14.03 -5.02
C SER B 55 -17.63 -13.49 -3.59
N GLY B 56 -16.48 -13.52 -2.92
CA GLY B 56 -16.44 -13.05 -1.54
C GLY B 56 -15.58 -13.92 -0.64
N GLY B 57 -15.93 -13.91 0.64
CA GLY B 57 -15.18 -14.66 1.61
C GLY B 57 -14.87 -13.73 2.77
N GLY B 58 -13.97 -14.15 3.66
CA GLY B 58 -13.62 -13.31 4.79
C GLY B 58 -13.02 -12.00 4.33
N SER B 59 -13.15 -10.95 5.12
CA SER B 59 -12.60 -9.65 4.74
C SER B 59 -11.14 -9.51 5.20
N GLY B 60 -10.49 -8.43 4.76
CA GLY B 60 -9.12 -8.17 5.11
C GLY B 60 -8.20 -8.42 3.89
N HIS B 61 -8.83 -8.55 2.70
CA HIS B 61 -8.08 -8.77 1.47
C HIS B 61 -8.36 -7.65 0.47
N GLU B 62 -9.00 -6.59 0.97
CA GLU B 62 -9.31 -5.41 0.15
C GLU B 62 -8.06 -5.02 -0.66
N PRO B 63 -8.23 -4.60 -1.91
CA PRO B 63 -9.53 -4.38 -2.55
C PRO B 63 -10.36 -5.59 -2.98
N ALA B 64 -9.90 -6.82 -2.75
CA ALA B 64 -10.71 -7.98 -3.11
C ALA B 64 -11.74 -8.15 -1.98
N HIS B 65 -13.00 -8.42 -2.32
CA HIS B 65 -13.44 -8.58 -3.70
C HIS B 65 -14.31 -7.42 -4.20
N VAL B 66 -14.70 -6.53 -3.27
CA VAL B 66 -15.57 -5.43 -3.61
C VAL B 66 -14.98 -4.54 -4.71
N GLY B 67 -13.65 -4.47 -4.73
CA GLY B 67 -12.94 -3.70 -5.73
C GLY B 67 -12.95 -4.32 -7.11
N PHE B 68 -13.53 -5.52 -7.26
CA PHE B 68 -13.64 -6.11 -8.63
C PHE B 68 -15.07 -6.43 -9.04
N ILE B 69 -15.99 -5.72 -8.39
CA ILE B 69 -17.42 -5.79 -8.72
C ILE B 69 -17.69 -4.75 -9.80
N GLY B 70 -18.34 -5.16 -10.89
CA GLY B 70 -18.66 -4.22 -11.94
C GLY B 70 -18.73 -4.88 -13.30
N LYS B 71 -19.03 -4.09 -14.33
CA LYS B 71 -19.06 -4.55 -15.71
C LYS B 71 -17.74 -5.22 -16.13
N GLY B 72 -17.83 -6.46 -16.59
CA GLY B 72 -16.64 -7.19 -17.01
C GLY B 72 -16.06 -8.10 -15.94
N MET B 73 -16.57 -8.00 -14.71
CA MET B 73 -16.11 -8.80 -13.59
C MET B 73 -17.24 -9.15 -12.63
N LEU B 74 -16.91 -9.23 -11.34
CA LEU B 74 -17.87 -9.60 -10.31
C LEU B 74 -19.21 -8.88 -10.33
N THR B 75 -20.27 -9.63 -10.10
CA THR B 75 -21.61 -9.09 -10.07
C THR B 75 -21.92 -8.64 -8.64
N ALA B 76 -21.39 -9.39 -7.68
CA ALA B 76 -21.58 -9.07 -6.27
C ALA B 76 -20.47 -9.76 -5.46
N ALA B 77 -20.29 -9.33 -4.23
CA ALA B 77 -19.29 -9.92 -3.35
C ALA B 77 -19.92 -10.08 -1.97
N VAL B 78 -19.72 -11.25 -1.37
CA VAL B 78 -20.28 -11.51 -0.05
C VAL B 78 -19.13 -11.36 0.94
N CYS B 79 -19.21 -10.33 1.77
CA CYS B 79 -18.17 -10.02 2.75
C CYS B 79 -18.39 -10.55 4.17
N GLY B 80 -17.49 -11.43 4.60
CA GLY B 80 -17.60 -11.97 5.94
C GLY B 80 -16.84 -11.03 6.84
N ASP B 81 -16.75 -11.36 8.11
CA ASP B 81 -16.00 -10.52 9.03
C ASP B 81 -14.54 -10.70 8.66
N VAL B 82 -13.66 -9.99 9.36
CA VAL B 82 -12.23 -10.09 9.09
C VAL B 82 -11.72 -11.54 9.17
N PHE B 83 -11.21 -12.04 8.04
CA PHE B 83 -10.66 -13.38 7.98
C PHE B 83 -11.64 -14.46 8.45
N ALA B 84 -12.92 -14.19 8.27
CA ALA B 84 -13.97 -15.13 8.66
C ALA B 84 -14.98 -15.26 7.51
N SER B 85 -15.33 -16.50 7.17
CA SER B 85 -16.28 -16.74 6.08
C SER B 85 -17.65 -16.12 6.32
N PRO B 86 -18.32 -15.72 5.23
CA PRO B 86 -19.66 -15.12 5.30
C PRO B 86 -20.62 -16.25 5.71
N SER B 87 -21.81 -15.89 6.20
CA SER B 87 -22.77 -16.91 6.62
C SER B 87 -23.47 -17.52 5.40
N VAL B 88 -24.03 -18.71 5.57
CA VAL B 88 -24.75 -19.37 4.49
C VAL B 88 -25.89 -18.44 4.03
N ASP B 89 -26.59 -17.89 5.01
CA ASP B 89 -27.70 -16.97 4.79
C ASP B 89 -27.25 -15.83 3.86
N ALA B 90 -26.11 -15.25 4.19
CA ALA B 90 -25.58 -14.15 3.40
C ALA B 90 -25.37 -14.53 1.94
N VAL B 91 -24.69 -15.64 1.71
CA VAL B 91 -24.42 -16.07 0.34
C VAL B 91 -25.71 -16.29 -0.44
N LEU B 92 -26.68 -16.95 0.19
CA LEU B 92 -27.94 -17.21 -0.48
C LEU B 92 -28.58 -15.89 -0.88
N THR B 93 -28.70 -14.98 0.08
CA THR B 93 -29.27 -13.66 -0.16
C THR B 93 -28.69 -13.00 -1.41
N ALA B 94 -27.39 -13.13 -1.61
CA ALA B 94 -26.76 -12.54 -2.78
C ALA B 94 -27.23 -13.24 -4.05
N ILE B 95 -27.31 -14.56 -4.01
CA ILE B 95 -27.72 -15.35 -5.17
C ILE B 95 -29.12 -14.91 -5.63
N GLN B 96 -30.06 -14.94 -4.69
CA GLN B 96 -31.44 -14.56 -4.97
C GLN B 96 -31.55 -13.11 -5.39
N ALA B 97 -30.64 -12.27 -4.90
CA ALA B 97 -30.70 -10.86 -5.22
C ALA B 97 -30.24 -10.45 -6.60
N VAL B 98 -29.32 -11.19 -7.20
CA VAL B 98 -28.78 -10.82 -8.50
C VAL B 98 -28.81 -11.89 -9.56
N THR B 99 -29.40 -13.03 -9.25
CA THR B 99 -29.44 -14.12 -10.22
C THR B 99 -30.78 -14.26 -10.94
N GLY B 100 -30.70 -14.31 -12.26
CA GLY B 100 -31.88 -14.49 -13.08
C GLY B 100 -31.86 -15.90 -13.64
N GLU B 101 -32.70 -16.17 -14.64
CA GLU B 101 -32.76 -17.51 -15.23
C GLU B 101 -31.42 -17.98 -15.76
N ALA B 102 -30.56 -17.04 -16.16
CA ALA B 102 -29.26 -17.39 -16.70
C ALA B 102 -28.37 -18.13 -15.71
N GLY B 103 -28.69 -17.97 -14.42
CA GLY B 103 -27.90 -18.62 -13.38
C GLY B 103 -26.69 -17.83 -12.93
N CYS B 104 -25.97 -18.35 -11.94
CA CYS B 104 -24.78 -17.68 -11.43
C CYS B 104 -23.66 -18.64 -11.12
N LEU B 105 -22.44 -18.11 -11.23
CA LEU B 105 -21.24 -18.88 -10.95
C LEU B 105 -20.63 -18.34 -9.66
N LEU B 106 -20.47 -19.21 -8.65
CA LEU B 106 -19.87 -18.81 -7.41
C LEU B 106 -18.37 -19.09 -7.56
N ILE B 107 -17.53 -18.08 -7.33
CA ILE B 107 -16.09 -18.27 -7.42
C ILE B 107 -15.57 -18.24 -5.96
N VAL B 108 -15.12 -19.39 -5.47
CA VAL B 108 -14.65 -19.50 -4.09
C VAL B 108 -13.18 -19.86 -3.89
N LYS B 109 -12.49 -19.08 -3.05
CA LYS B 109 -11.09 -19.35 -2.75
C LYS B 109 -11.06 -20.62 -1.91
N ASN B 110 -10.04 -21.46 -2.10
CA ASN B 110 -9.97 -22.73 -1.38
C ASN B 110 -9.77 -22.67 0.13
N TYR B 111 -10.88 -22.60 0.86
CA TYR B 111 -10.86 -22.58 2.33
C TYR B 111 -12.17 -23.22 2.78
N THR B 112 -12.06 -24.15 3.71
CA THR B 112 -13.21 -24.86 4.23
C THR B 112 -14.43 -23.99 4.52
N GLY B 113 -14.24 -22.97 5.35
CA GLY B 113 -15.33 -22.08 5.69
C GLY B 113 -16.10 -21.59 4.49
N ASP B 114 -15.39 -21.15 3.46
CA ASP B 114 -16.06 -20.65 2.27
C ASP B 114 -16.70 -21.76 1.46
N ARG B 115 -15.98 -22.86 1.29
CA ARG B 115 -16.48 -24.00 0.53
C ARG B 115 -17.75 -24.53 1.16
N LEU B 116 -17.76 -24.69 2.47
CA LEU B 116 -18.94 -25.19 3.14
C LEU B 116 -20.10 -24.21 3.15
N ASN B 117 -19.81 -22.93 3.38
CA ASN B 117 -20.88 -21.95 3.41
C ASN B 117 -21.46 -21.57 2.06
N PHE B 118 -20.62 -21.38 1.05
CA PHE B 118 -21.14 -21.06 -0.26
C PHE B 118 -21.80 -22.33 -0.77
N GLY B 119 -21.25 -23.48 -0.38
CA GLY B 119 -21.78 -24.77 -0.80
C GLY B 119 -23.21 -25.00 -0.35
N LEU B 120 -23.45 -24.92 0.96
CA LEU B 120 -24.81 -25.12 1.45
C LEU B 120 -25.71 -24.08 0.79
N ALA B 121 -25.18 -22.89 0.54
CA ALA B 121 -25.94 -21.83 -0.11
C ALA B 121 -26.37 -22.26 -1.51
N ALA B 122 -25.42 -22.77 -2.30
CA ALA B 122 -25.71 -23.22 -3.66
C ALA B 122 -26.80 -24.28 -3.63
N GLU B 123 -26.70 -25.19 -2.67
CA GLU B 123 -27.67 -26.25 -2.52
C GLU B 123 -29.05 -25.70 -2.22
N LYS B 124 -29.13 -24.75 -1.31
CA LYS B 124 -30.42 -24.16 -0.95
C LYS B 124 -30.96 -23.36 -2.12
N ALA B 125 -30.06 -22.85 -2.95
CA ALA B 125 -30.45 -22.05 -4.11
C ALA B 125 -31.05 -22.96 -5.17
N ARG B 126 -30.39 -24.10 -5.38
CA ARG B 126 -30.86 -25.06 -6.37
C ARG B 126 -32.26 -25.56 -6.04
N ARG B 127 -32.55 -25.75 -4.76
CA ARG B 127 -33.88 -26.18 -4.36
C ARG B 127 -34.91 -25.10 -4.72
N LEU B 128 -34.45 -23.86 -4.81
CA LEU B 128 -35.32 -22.74 -5.14
C LEU B 128 -35.37 -22.50 -6.65
N GLY B 129 -34.83 -23.43 -7.44
CA GLY B 129 -34.89 -23.28 -8.87
C GLY B 129 -33.78 -22.52 -9.57
N TYR B 130 -32.87 -21.91 -8.81
CA TYR B 130 -31.79 -21.18 -9.45
C TYR B 130 -30.77 -22.16 -10.02
N ASN B 131 -30.10 -21.75 -11.11
CA ASN B 131 -29.07 -22.56 -11.72
C ASN B 131 -27.77 -22.05 -11.13
N VAL B 132 -27.05 -22.92 -10.43
CA VAL B 132 -25.81 -22.53 -9.79
C VAL B 132 -24.63 -23.46 -10.06
N GLU B 133 -23.46 -22.85 -10.18
CA GLU B 133 -22.22 -23.60 -10.38
C GLU B 133 -21.18 -23.00 -9.44
N MET B 134 -20.27 -23.83 -8.94
CA MET B 134 -19.23 -23.34 -8.04
C MET B 134 -17.84 -23.74 -8.50
N LEU B 135 -16.93 -22.77 -8.53
CA LEU B 135 -15.56 -23.05 -8.93
C LEU B 135 -14.63 -22.71 -7.78
N ILE B 136 -14.02 -23.74 -7.19
CA ILE B 136 -13.08 -23.54 -6.09
C ILE B 136 -11.71 -23.23 -6.71
N VAL B 137 -11.12 -22.10 -6.32
CA VAL B 137 -9.80 -21.72 -6.84
C VAL B 137 -8.68 -22.00 -5.83
N GLY B 138 -7.68 -22.77 -6.26
CA GLY B 138 -6.56 -23.11 -5.40
C GLY B 138 -5.30 -22.91 -6.21
N ASP B 139 -4.89 -21.66 -6.36
CA ASP B 139 -3.72 -21.33 -7.16
C ASP B 139 -2.36 -21.36 -6.46
N ASP B 140 -2.34 -21.39 -5.13
CA ASP B 140 -1.07 -21.42 -4.40
C ASP B 140 -0.24 -22.67 -4.71
N ILE B 141 1.05 -22.50 -4.93
CA ILE B 141 1.93 -23.64 -5.22
C ILE B 141 2.99 -23.83 -4.14
N SER B 142 2.87 -23.09 -3.05
CA SER B 142 3.86 -23.19 -1.99
C SER B 142 3.90 -24.53 -1.26
N LEU B 143 2.78 -25.24 -1.24
CA LEU B 143 2.70 -26.51 -0.53
C LEU B 143 2.35 -27.68 -1.42
N PRO B 144 3.34 -28.24 -2.13
CA PRO B 144 3.09 -29.37 -3.03
C PRO B 144 2.37 -30.53 -2.36
N ASP B 145 2.73 -30.82 -1.11
CA ASP B 145 2.13 -31.93 -0.38
C ASP B 145 0.73 -31.65 0.12
N ASN B 146 0.21 -30.46 -0.18
CA ASN B 146 -1.13 -30.11 0.25
C ASN B 146 -2.18 -30.59 -0.75
N LYS B 147 -3.18 -31.29 -0.22
CA LYS B 147 -4.27 -31.82 -1.04
C LYS B 147 -5.16 -30.68 -1.54
N HIS B 148 -5.27 -29.63 -0.74
CA HIS B 148 -6.11 -28.49 -1.10
C HIS B 148 -5.33 -27.19 -1.17
N PRO B 149 -4.77 -26.85 -2.34
CA PRO B 149 -4.01 -25.63 -2.52
C PRO B 149 -4.84 -24.42 -2.13
N ARG B 150 -4.26 -23.54 -1.32
CA ARG B 150 -4.97 -22.35 -0.90
C ARG B 150 -5.24 -21.45 -2.10
N GLY B 151 -6.32 -20.69 -2.01
CA GLY B 151 -6.66 -19.76 -3.07
C GLY B 151 -6.19 -18.39 -2.61
N ILE B 152 -5.35 -17.77 -3.43
CA ILE B 152 -4.81 -16.44 -3.15
C ILE B 152 -4.98 -15.45 -4.31
N ALA B 153 -4.06 -14.51 -4.45
CA ALA B 153 -4.13 -13.48 -5.48
C ALA B 153 -4.66 -13.87 -6.86
N GLY B 154 -4.18 -14.99 -7.40
CA GLY B 154 -4.61 -15.44 -8.72
C GLY B 154 -6.11 -15.49 -8.91
N THR B 155 -6.83 -15.67 -7.81
CA THR B 155 -8.29 -15.74 -7.88
C THR B 155 -8.89 -14.63 -8.73
N ILE B 156 -8.40 -13.40 -8.58
CA ILE B 156 -8.96 -12.30 -9.36
C ILE B 156 -8.72 -12.47 -10.86
N LEU B 157 -7.67 -13.18 -11.23
CA LEU B 157 -7.45 -13.37 -12.65
C LEU B 157 -8.58 -14.26 -13.15
N VAL B 158 -9.11 -15.08 -12.24
CA VAL B 158 -10.21 -15.96 -12.58
C VAL B 158 -11.47 -15.11 -12.71
N HIS B 159 -11.63 -14.13 -11.84
CA HIS B 159 -12.80 -13.25 -11.92
C HIS B 159 -12.81 -12.59 -13.30
N LYS B 160 -11.64 -12.12 -13.72
CA LYS B 160 -11.47 -11.43 -14.99
C LYS B 160 -11.98 -12.25 -16.18
N ILE B 161 -11.55 -13.50 -16.27
CA ILE B 161 -11.97 -14.37 -17.35
C ILE B 161 -13.47 -14.70 -17.25
N ALA B 162 -13.92 -15.05 -16.06
CA ALA B 162 -15.33 -15.37 -15.87
C ALA B 162 -16.17 -14.16 -16.29
N GLY B 163 -15.75 -12.99 -15.84
CA GLY B 163 -16.47 -11.76 -16.16
C GLY B 163 -16.58 -11.50 -17.65
N TYR B 164 -15.48 -11.71 -18.38
CA TYR B 164 -15.46 -11.52 -19.81
C TYR B 164 -16.65 -12.23 -20.47
N PHE B 165 -16.70 -13.54 -20.29
CA PHE B 165 -17.76 -14.35 -20.88
C PHE B 165 -19.16 -14.03 -20.36
N ALA B 166 -19.30 -13.84 -19.05
CA ALA B 166 -20.61 -13.55 -18.49
C ALA B 166 -21.23 -12.27 -19.04
N GLU B 167 -20.43 -11.22 -19.18
CA GLU B 167 -20.93 -9.94 -19.70
C GLU B 167 -21.39 -10.07 -21.14
N ARG B 168 -20.70 -10.92 -21.89
CA ARG B 168 -21.01 -11.13 -23.29
C ARG B 168 -22.10 -12.17 -23.54
N GLY B 169 -22.97 -12.34 -22.55
CA GLY B 169 -24.08 -13.27 -22.67
C GLY B 169 -23.85 -14.77 -22.82
N TYR B 170 -22.62 -15.25 -22.66
CA TYR B 170 -22.40 -16.69 -22.79
C TYR B 170 -23.14 -17.41 -21.66
N ASN B 171 -23.45 -18.69 -21.84
CA ASN B 171 -24.19 -19.43 -20.83
C ASN B 171 -23.35 -19.88 -19.65
N LEU B 172 -24.03 -20.15 -18.54
CA LEU B 172 -23.40 -20.59 -17.31
C LEU B 172 -22.33 -21.65 -17.57
N ALA B 173 -22.72 -22.69 -18.30
CA ALA B 173 -21.80 -23.78 -18.61
C ALA B 173 -20.51 -23.27 -19.22
N THR B 174 -20.63 -22.28 -20.09
CA THR B 174 -19.46 -21.71 -20.76
C THR B 174 -18.63 -20.87 -19.79
N VAL B 175 -19.31 -20.09 -18.97
CA VAL B 175 -18.64 -19.26 -17.98
C VAL B 175 -17.78 -20.19 -17.12
N LEU B 176 -18.41 -21.20 -16.53
CA LEU B 176 -17.73 -22.18 -15.68
C LEU B 176 -16.56 -22.82 -16.41
N ARG B 177 -16.80 -23.28 -17.63
CA ARG B 177 -15.77 -23.95 -18.43
C ARG B 177 -14.52 -23.07 -18.52
N GLU B 178 -14.71 -21.86 -19.03
CA GLU B 178 -13.62 -20.91 -19.20
C GLU B 178 -12.97 -20.52 -17.87
N ALA B 179 -13.81 -20.29 -16.86
CA ALA B 179 -13.35 -19.93 -15.53
C ALA B 179 -12.43 -21.01 -14.98
N GLN B 180 -12.84 -22.26 -15.16
CA GLN B 180 -12.05 -23.37 -14.70
C GLN B 180 -10.75 -23.43 -15.50
N TYR B 181 -10.84 -23.17 -16.80
CA TYR B 181 -9.68 -23.20 -17.66
C TYR B 181 -8.66 -22.18 -17.20
N ALA B 182 -9.13 -20.99 -16.81
CA ALA B 182 -8.24 -19.95 -16.34
C ALA B 182 -7.58 -20.41 -15.03
N ALA B 183 -8.40 -20.90 -14.12
CA ALA B 183 -7.89 -21.37 -12.84
C ALA B 183 -6.75 -22.34 -13.05
N SER B 184 -7.01 -23.38 -13.83
CA SER B 184 -6.00 -24.41 -14.13
C SER B 184 -4.70 -23.87 -14.70
N ASN B 185 -4.75 -22.64 -15.21
CA ASN B 185 -3.57 -22.02 -15.79
C ASN B 185 -3.03 -20.88 -14.94
N THR B 186 -3.41 -20.87 -13.66
CA THR B 186 -2.96 -19.83 -12.75
C THR B 186 -2.13 -20.41 -11.62
N PHE B 187 -0.95 -19.84 -11.41
CA PHE B 187 -0.03 -20.29 -10.38
C PHE B 187 0.48 -19.10 -9.59
N SER B 188 0.39 -19.20 -8.27
CA SER B 188 0.82 -18.11 -7.42
C SER B 188 1.72 -18.58 -6.29
N LEU B 189 2.63 -17.70 -5.89
CA LEU B 189 3.56 -17.97 -4.80
C LEU B 189 3.78 -16.67 -4.02
N GLY B 190 3.59 -16.72 -2.71
CA GLY B 190 3.79 -15.54 -1.91
C GLY B 190 4.93 -15.67 -0.92
N VAL B 191 5.39 -14.54 -0.39
CA VAL B 191 6.47 -14.52 0.58
C VAL B 191 6.23 -13.33 1.49
N ALA B 192 6.57 -13.47 2.77
CA ALA B 192 6.37 -12.37 3.70
C ALA B 192 7.47 -12.25 4.76
N LEU B 193 7.73 -11.02 5.18
CA LEU B 193 8.73 -10.75 6.19
C LEU B 193 8.06 -10.72 7.55
N SER B 194 6.75 -10.48 7.57
CA SER B 194 6.01 -10.50 8.82
C SER B 194 4.51 -10.64 8.55
N SER B 195 3.79 -11.21 9.51
CA SER B 195 2.37 -11.38 9.32
C SER B 195 1.70 -10.00 9.47
N CYS B 196 0.37 -9.96 9.51
CA CYS B 196 -0.35 -8.71 9.60
C CYS B 196 -0.83 -8.34 11.01
N HIS B 197 -1.15 -7.07 11.19
CA HIS B 197 -1.70 -6.60 12.45
C HIS B 197 -3.19 -6.83 12.41
N LEU B 198 -3.73 -7.44 13.45
CA LEU B 198 -5.16 -7.73 13.50
C LEU B 198 -5.89 -6.67 14.28
N PRO B 199 -7.16 -6.42 13.96
CA PRO B 199 -7.94 -5.38 14.67
C PRO B 199 -8.39 -5.86 16.04
N GLN B 200 -7.44 -6.30 16.85
CA GLN B 200 -7.72 -6.79 18.19
C GLN B 200 -6.46 -6.97 19.01
N GLU B 201 -6.67 -7.14 20.31
CA GLU B 201 -5.60 -7.37 21.26
C GLU B 201 -5.13 -8.81 21.02
N THR B 202 -3.82 -9.04 20.94
CA THR B 202 -3.32 -10.39 20.72
C THR B 202 -2.28 -10.82 21.76
N ASP B 203 -1.81 -12.06 21.61
CA ASP B 203 -0.82 -12.61 22.54
C ASP B 203 0.62 -12.20 22.22
N ALA B 204 0.93 -12.10 20.93
CA ALA B 204 2.28 -11.71 20.51
C ALA B 204 2.25 -10.94 19.20
N ALA B 205 3.26 -10.11 18.99
CA ALA B 205 3.39 -9.34 17.75
C ALA B 205 3.25 -10.29 16.56
N PRO B 206 3.01 -9.76 15.35
CA PRO B 206 2.89 -10.64 14.16
C PRO B 206 4.09 -11.48 13.93
N ARG B 207 3.88 -12.75 13.54
CA ARG B 207 4.98 -13.65 13.27
C ARG B 207 5.94 -12.97 12.35
N HIS B 208 7.23 -13.15 12.70
CA HIS B 208 8.37 -12.52 12.03
C HIS B 208 9.66 -13.31 12.29
N HIS B 209 10.46 -13.54 11.24
CA HIS B 209 11.73 -14.26 11.39
C HIS B 209 12.84 -13.30 11.04
N PRO B 210 13.50 -12.70 12.07
CA PRO B 210 14.61 -11.76 11.87
C PRO B 210 15.57 -12.10 10.72
N GLY B 211 15.77 -11.12 9.83
CA GLY B 211 16.66 -11.28 8.71
C GLY B 211 16.24 -12.30 7.68
N HIS B 212 15.17 -13.03 7.98
CA HIS B 212 14.69 -14.08 7.08
C HIS B 212 13.33 -13.78 6.49
N ALA B 213 12.83 -14.68 5.66
CA ALA B 213 11.54 -14.50 5.01
C ALA B 213 10.73 -15.79 4.95
N GLU B 214 9.46 -15.72 5.35
CA GLU B 214 8.61 -16.90 5.32
C GLU B 214 7.93 -17.09 3.96
N LEU B 215 8.39 -18.10 3.23
CA LEU B 215 7.83 -18.39 1.92
C LEU B 215 6.49 -19.09 2.08
N GLY B 216 5.47 -18.61 1.38
CA GLY B 216 4.17 -19.22 1.43
C GLY B 216 3.25 -18.85 2.58
N MET B 217 3.57 -17.80 3.32
CA MET B 217 2.69 -17.40 4.41
C MET B 217 1.30 -17.13 3.80
N GLY B 218 0.26 -17.69 4.42
CA GLY B 218 -1.12 -17.53 3.91
C GLY B 218 -1.68 -16.10 4.02
N ILE B 219 -2.74 -15.83 3.25
CA ILE B 219 -3.37 -14.52 3.27
C ILE B 219 -4.18 -14.30 4.54
N HIS B 220 -4.19 -15.29 5.41
CA HIS B 220 -4.86 -15.17 6.69
C HIS B 220 -3.80 -15.30 7.74
N GLY B 221 -2.55 -15.32 7.27
CA GLY B 221 -1.41 -15.41 8.18
C GLY B 221 -1.05 -16.88 8.46
N GLU B 222 -1.66 -17.80 7.75
CA GLU B 222 -1.37 -19.22 7.94
C GLU B 222 0.12 -19.50 7.73
N PRO B 223 0.64 -20.56 8.39
CA PRO B 223 2.05 -20.96 8.29
C PRO B 223 2.38 -21.20 6.84
N GLY B 224 3.58 -20.79 6.44
CA GLY B 224 4.00 -20.97 5.05
C GLY B 224 4.65 -22.33 4.80
N ALA B 225 5.32 -22.45 3.66
CA ALA B 225 5.97 -23.69 3.30
C ALA B 225 7.43 -23.79 3.77
N SER B 226 8.07 -22.67 4.02
CA SER B 226 9.47 -22.67 4.44
C SER B 226 9.95 -21.27 4.85
N VAL B 227 11.22 -21.20 5.27
CA VAL B 227 11.83 -19.94 5.69
C VAL B 227 13.12 -19.71 4.91
N ILE B 228 13.23 -18.57 4.23
CA ILE B 228 14.44 -18.26 3.45
C ILE B 228 15.41 -17.51 4.39
N ASP B 229 16.67 -17.92 4.39
CA ASP B 229 17.68 -17.32 5.26
C ASP B 229 18.15 -15.91 4.87
N THR B 230 17.36 -15.23 4.04
CA THR B 230 17.73 -13.88 3.62
C THR B 230 16.49 -13.11 3.17
N GLN B 231 16.64 -11.79 3.06
CA GLN B 231 15.55 -10.95 2.62
C GLN B 231 15.94 -10.30 1.31
N ASN B 232 17.11 -10.68 0.81
CA ASN B 232 17.63 -10.14 -0.44
C ASN B 232 16.63 -10.27 -1.56
N SER B 233 16.23 -9.15 -2.14
CA SER B 233 15.23 -9.15 -3.20
C SER B 233 15.51 -10.08 -4.38
N ALA B 234 16.75 -10.10 -4.86
CA ALA B 234 17.08 -10.94 -6.00
C ALA B 234 17.01 -12.42 -5.67
N GLN B 235 17.59 -12.79 -4.54
CA GLN B 235 17.57 -14.18 -4.14
C GLN B 235 16.14 -14.62 -3.93
N VAL B 236 15.38 -13.84 -3.16
CA VAL B 236 14.00 -14.19 -2.89
C VAL B 236 13.19 -14.32 -4.17
N VAL B 237 13.30 -13.36 -5.07
CA VAL B 237 12.51 -13.43 -6.30
C VAL B 237 12.92 -14.58 -7.22
N ASN B 238 14.22 -14.85 -7.33
CA ASN B 238 14.64 -15.94 -8.20
C ASN B 238 14.22 -17.29 -7.64
N LEU B 239 14.25 -17.44 -6.32
CA LEU B 239 13.83 -18.67 -5.70
C LEU B 239 12.35 -18.89 -6.07
N MET B 240 11.57 -17.82 -5.95
CA MET B 240 10.16 -17.86 -6.28
C MET B 240 9.96 -18.16 -7.76
N VAL B 241 10.77 -17.54 -8.60
CA VAL B 241 10.65 -17.76 -10.03
C VAL B 241 10.93 -19.22 -10.39
N ASP B 242 11.89 -19.83 -9.70
CA ASP B 242 12.20 -21.23 -9.98
C ASP B 242 10.94 -22.07 -9.77
N LYS B 243 10.39 -21.99 -8.57
CA LYS B 243 9.20 -22.75 -8.22
C LYS B 243 8.05 -22.46 -9.17
N LEU B 244 7.94 -21.22 -9.64
CA LEU B 244 6.88 -20.90 -10.59
C LEU B 244 7.16 -21.65 -11.89
N LEU B 245 8.40 -21.60 -12.36
CA LEU B 245 8.77 -22.27 -13.61
C LEU B 245 8.56 -23.78 -13.53
N ALA B 246 8.80 -24.36 -12.37
CA ALA B 246 8.63 -25.80 -12.20
C ALA B 246 7.17 -26.19 -12.31
N ALA B 247 6.26 -25.24 -12.06
CA ALA B 247 4.84 -25.55 -12.14
C ALA B 247 4.21 -25.16 -13.46
N LEU B 248 4.86 -24.24 -14.16
CA LEU B 248 4.35 -23.76 -15.44
C LEU B 248 4.76 -24.69 -16.58
N PRO B 249 4.05 -24.60 -17.71
CA PRO B 249 4.38 -25.44 -18.87
C PRO B 249 5.78 -25.01 -19.27
N GLU B 250 6.54 -25.86 -19.94
CA GLU B 250 7.90 -25.47 -20.30
C GLU B 250 7.94 -24.39 -21.39
N THR B 251 6.81 -24.15 -22.05
CA THR B 251 6.77 -23.10 -23.08
C THR B 251 5.43 -22.37 -23.06
N GLY B 252 5.42 -21.19 -23.66
CA GLY B 252 4.20 -20.39 -23.73
C GLY B 252 4.36 -19.00 -23.12
N ARG B 253 3.57 -18.05 -23.63
CA ARG B 253 3.62 -16.68 -23.14
C ARG B 253 2.95 -16.57 -21.78
N LEU B 254 3.32 -15.54 -21.03
CA LEU B 254 2.80 -15.35 -19.68
C LEU B 254 2.47 -13.92 -19.28
N ALA B 255 1.45 -13.83 -18.45
CA ALA B 255 1.05 -12.56 -17.87
C ALA B 255 1.43 -12.74 -16.39
N VAL B 256 2.11 -11.79 -15.77
CA VAL B 256 2.50 -11.92 -14.37
C VAL B 256 1.96 -10.79 -13.50
N MET B 257 1.32 -11.16 -12.40
CA MET B 257 0.77 -10.19 -11.49
C MET B 257 1.60 -10.06 -10.22
N ILE B 258 2.10 -8.83 -10.00
CA ILE B 258 2.90 -8.54 -8.82
C ILE B 258 1.98 -7.88 -7.81
N ASN B 259 1.59 -8.66 -6.79
CA ASN B 259 0.65 -8.24 -5.75
C ASN B 259 1.31 -7.89 -4.42
N ASN B 260 0.91 -6.75 -3.85
CA ASN B 260 1.45 -6.32 -2.59
C ASN B 260 0.50 -6.81 -1.52
N LEU B 261 0.95 -7.67 -0.60
CA LEU B 261 0.06 -8.19 0.44
C LEU B 261 -0.43 -7.10 1.40
N GLY B 262 0.17 -5.91 1.31
CA GLY B 262 -0.30 -4.82 2.15
C GLY B 262 0.70 -3.98 2.91
N GLY B 263 1.85 -4.54 3.23
CA GLY B 263 2.84 -3.80 4.00
C GLY B 263 4.17 -3.52 3.37
N VAL B 264 4.34 -3.86 2.10
CA VAL B 264 5.61 -3.58 1.44
C VAL B 264 5.61 -2.15 0.93
N SER B 265 6.74 -1.47 1.05
CA SER B 265 6.81 -0.09 0.58
C SER B 265 6.76 -0.08 -0.94
N VAL B 266 6.29 1.03 -1.52
CA VAL B 266 6.20 1.13 -2.96
C VAL B 266 7.61 1.01 -3.53
N ALA B 267 8.59 1.56 -2.83
CA ALA B 267 9.98 1.48 -3.29
C ALA B 267 10.33 0.01 -3.45
N GLU B 268 10.14 -0.75 -2.38
CA GLU B 268 10.43 -2.18 -2.39
C GLU B 268 9.72 -2.89 -3.54
N MET B 269 8.45 -2.57 -3.74
CA MET B 269 7.66 -3.19 -4.80
C MET B 269 8.28 -2.94 -6.17
N ALA B 270 8.90 -1.77 -6.33
CA ALA B 270 9.55 -1.42 -7.59
C ALA B 270 10.79 -2.30 -7.77
N ILE B 271 11.58 -2.43 -6.70
CA ILE B 271 12.77 -3.25 -6.73
C ILE B 271 12.35 -4.69 -7.08
N ILE B 272 11.27 -5.17 -6.46
CA ILE B 272 10.80 -6.52 -6.73
C ILE B 272 10.44 -6.63 -8.22
N THR B 273 9.78 -5.60 -8.73
CA THR B 273 9.40 -5.60 -10.14
C THR B 273 10.65 -5.70 -11.01
N ARG B 274 11.72 -5.03 -10.60
CA ARG B 274 12.95 -5.08 -11.38
C ARG B 274 13.55 -6.48 -11.37
N GLU B 275 13.54 -7.11 -10.19
CA GLU B 275 14.09 -8.46 -10.05
C GLU B 275 13.35 -9.41 -10.98
N LEU B 276 12.02 -9.34 -10.97
CA LEU B 276 11.21 -10.20 -11.82
C LEU B 276 11.58 -10.01 -13.27
N ALA B 277 11.76 -8.75 -13.68
CA ALA B 277 12.11 -8.44 -15.06
C ALA B 277 13.48 -8.98 -15.46
N SER B 278 14.31 -9.29 -14.47
CA SER B 278 15.64 -9.79 -14.72
C SER B 278 15.73 -11.28 -14.39
N SER B 279 14.60 -11.90 -14.06
CA SER B 279 14.60 -13.32 -13.72
C SER B 279 14.49 -14.16 -14.98
N PRO B 280 14.79 -15.46 -14.87
CA PRO B 280 14.72 -16.37 -16.02
C PRO B 280 13.31 -16.42 -16.59
N LEU B 281 12.37 -15.84 -15.85
CA LEU B 281 10.97 -15.81 -16.26
C LEU B 281 10.73 -14.70 -17.28
N HIS B 282 11.66 -13.77 -17.32
CA HIS B 282 11.65 -12.59 -18.19
C HIS B 282 11.25 -12.74 -19.66
N SER B 283 11.96 -13.62 -20.37
CA SER B 283 11.72 -13.83 -21.80
C SER B 283 10.34 -14.36 -22.21
N ARG B 284 9.48 -14.65 -21.24
CA ARG B 284 8.16 -15.18 -21.59
C ARG B 284 7.03 -14.28 -21.16
N ILE B 285 7.39 -13.14 -20.62
CA ILE B 285 6.40 -12.19 -20.12
C ILE B 285 5.93 -11.20 -21.18
N ASP B 286 4.62 -11.10 -21.38
CA ASP B 286 4.07 -10.15 -22.35
C ASP B 286 3.24 -9.10 -21.63
N TRP B 287 2.94 -9.36 -20.37
CA TRP B 287 2.18 -8.40 -19.58
C TRP B 287 2.48 -8.45 -18.08
N LEU B 288 2.43 -7.26 -17.45
CA LEU B 288 2.61 -7.14 -16.02
C LEU B 288 1.33 -6.58 -15.46
N ILE B 289 0.88 -7.14 -14.34
CA ILE B 289 -0.32 -6.64 -13.68
C ILE B 289 0.23 -6.23 -12.31
N GLY B 290 0.33 -4.93 -12.08
CA GLY B 290 0.87 -4.44 -10.83
C GLY B 290 2.27 -3.93 -11.12
N PRO B 291 3.12 -3.70 -10.11
CA PRO B 291 2.85 -3.87 -8.68
C PRO B 291 1.70 -3.06 -8.15
N ALA B 292 0.85 -3.71 -7.36
CA ALA B 292 -0.30 -3.03 -6.75
C ALA B 292 -0.84 -3.89 -5.63
N SER B 293 -1.61 -3.27 -4.75
CA SER B 293 -2.25 -4.00 -3.67
C SER B 293 -3.58 -4.48 -4.25
N LEU B 294 -3.64 -5.75 -4.65
CA LEU B 294 -4.84 -6.31 -5.26
C LEU B 294 -5.61 -7.31 -4.38
N VAL B 295 -4.89 -8.27 -3.80
CA VAL B 295 -5.50 -9.24 -2.90
C VAL B 295 -4.55 -9.20 -1.70
N THR B 296 -4.97 -8.50 -0.66
CA THR B 296 -4.12 -8.32 0.51
C THR B 296 -4.40 -9.23 1.69
N ALA B 297 -3.57 -9.04 2.72
CA ALA B 297 -3.67 -9.74 4.00
C ALA B 297 -3.47 -8.60 4.99
N LEU B 298 -4.43 -7.68 4.99
CA LEU B 298 -4.35 -6.52 5.85
C LEU B 298 -3.01 -5.84 5.54
N ASP B 299 -2.20 -5.54 6.56
CA ASP B 299 -0.93 -4.88 6.31
C ASP B 299 0.29 -5.80 6.24
N MET B 300 0.05 -7.08 5.93
CA MET B 300 1.11 -8.06 5.83
C MET B 300 2.26 -7.58 4.95
N LYS B 301 3.48 -7.58 5.49
CA LYS B 301 4.61 -7.14 4.72
C LYS B 301 5.19 -8.24 3.85
N GLY B 302 4.50 -8.55 2.77
CA GLY B 302 4.96 -9.56 1.84
C GLY B 302 4.35 -9.27 0.49
N PHE B 303 4.72 -10.05 -0.53
CA PHE B 303 4.17 -9.85 -1.87
C PHE B 303 3.97 -11.21 -2.52
N SER B 304 3.18 -11.26 -3.58
CA SER B 304 2.96 -12.52 -4.27
C SER B 304 3.15 -12.35 -5.75
N LEU B 305 3.54 -13.43 -6.41
CA LEU B 305 3.75 -13.44 -7.84
C LEU B 305 2.82 -14.47 -8.47
N THR B 306 1.97 -14.02 -9.36
CA THR B 306 1.04 -14.93 -10.03
C THR B 306 1.31 -14.97 -11.52
N ALA B 307 1.47 -16.18 -12.05
CA ALA B 307 1.72 -16.35 -13.48
C ALA B 307 0.52 -17.09 -14.06
N ILE B 308 -0.01 -16.57 -15.16
CA ILE B 308 -1.14 -17.17 -15.86
C ILE B 308 -0.70 -17.43 -17.29
N VAL B 309 -0.93 -18.65 -17.77
CA VAL B 309 -0.55 -19.02 -19.12
C VAL B 309 -1.49 -18.38 -20.13
N LEU B 310 -0.91 -17.72 -21.13
CA LEU B 310 -1.71 -17.06 -22.15
C LEU B 310 -2.05 -18.00 -23.31
N GLU B 311 -2.99 -18.91 -23.07
CA GLU B 311 -3.43 -19.84 -24.10
C GLU B 311 -4.89 -19.53 -24.41
N GLU B 312 -5.28 -19.73 -25.65
CA GLU B 312 -6.66 -19.51 -26.05
C GLU B 312 -7.20 -18.10 -25.74
N SER B 313 -8.40 -18.09 -25.16
CA SER B 313 -9.10 -16.88 -24.81
C SER B 313 -8.58 -16.11 -23.60
N ILE B 314 -7.68 -16.71 -22.83
CA ILE B 314 -7.14 -16.05 -21.64
C ILE B 314 -6.68 -14.61 -21.91
N GLU B 315 -5.67 -14.45 -22.75
CA GLU B 315 -5.14 -13.11 -23.04
C GLU B 315 -6.19 -12.12 -23.52
N LYS B 316 -7.07 -12.55 -24.41
CA LYS B 316 -8.11 -11.68 -24.92
C LYS B 316 -8.94 -11.14 -23.76
N ALA B 317 -9.32 -12.05 -22.87
CA ALA B 317 -10.14 -11.71 -21.71
C ALA B 317 -9.41 -10.84 -20.67
N LEU B 318 -8.10 -11.02 -20.52
CA LEU B 318 -7.36 -10.24 -19.55
C LEU B 318 -7.31 -8.78 -19.98
N LEU B 319 -7.04 -8.56 -21.25
CA LEU B 319 -6.91 -7.21 -21.80
C LEU B 319 -8.18 -6.39 -22.01
N THR B 320 -9.33 -6.99 -21.84
CA THR B 320 -10.57 -6.24 -22.02
C THR B 320 -10.78 -5.25 -20.88
N GLU B 321 -11.25 -4.06 -21.22
CA GLU B 321 -11.49 -3.06 -20.19
C GLU B 321 -12.71 -3.49 -19.39
N VAL B 322 -12.72 -3.16 -18.10
CA VAL B 322 -13.85 -3.50 -17.24
C VAL B 322 -14.13 -2.24 -16.45
N GLU B 323 -15.16 -2.28 -15.60
CA GLU B 323 -15.49 -1.11 -14.81
C GLU B 323 -15.54 -1.45 -13.33
N THR B 324 -14.36 -1.42 -12.69
CA THR B 324 -14.28 -1.73 -11.27
C THR B 324 -13.41 -0.71 -10.56
N SER B 325 -13.47 -0.70 -9.24
CA SER B 325 -12.68 0.24 -8.47
C SER B 325 -11.19 -0.03 -8.53
N ASN B 326 -10.79 -1.30 -8.69
CA ASN B 326 -9.36 -1.58 -8.61
C ASN B 326 -8.67 -2.46 -9.66
N TRP B 327 -9.37 -2.89 -10.73
CA TRP B 327 -8.68 -3.71 -11.71
C TRP B 327 -7.60 -2.85 -12.36
N PRO B 328 -6.36 -3.36 -12.38
CA PRO B 328 -5.24 -2.65 -13.00
C PRO B 328 -5.04 -3.04 -14.46
N THR B 329 -4.88 -2.04 -15.32
CA THR B 329 -4.68 -2.30 -16.74
C THR B 329 -3.30 -2.92 -16.95
N PRO B 330 -3.27 -4.14 -17.51
CA PRO B 330 -2.00 -4.83 -17.77
C PRO B 330 -1.08 -3.99 -18.65
N VAL B 331 0.22 -4.08 -18.39
CA VAL B 331 1.21 -3.31 -19.15
C VAL B 331 2.40 -4.18 -19.52
N PRO B 332 2.88 -4.05 -20.77
CA PRO B 332 4.04 -4.85 -21.18
C PRO B 332 5.24 -4.32 -20.43
N PRO B 333 6.11 -5.21 -19.92
CA PRO B 333 7.26 -4.67 -19.20
C PRO B 333 8.06 -3.79 -20.14
N ARG B 334 8.15 -2.50 -19.84
CA ARG B 334 8.87 -1.57 -20.70
C ARG B 334 10.37 -1.78 -20.55
N GLU B 335 11.13 -1.42 -21.57
CA GLU B 335 12.57 -1.55 -21.45
C GLU B 335 13.05 -0.21 -20.88
N ILE B 336 14.19 -0.23 -20.22
CA ILE B 336 14.71 0.99 -19.61
C ILE B 336 15.58 1.79 -20.57
N THR B 337 14.98 2.76 -21.24
CA THR B 337 15.74 3.58 -22.16
C THR B 337 16.52 4.64 -21.38
N CYS B 338 17.70 4.95 -21.90
CA CYS B 338 18.60 5.91 -21.27
C CYS B 338 18.80 7.10 -22.21
N VAL B 339 18.28 8.27 -21.82
CA VAL B 339 18.40 9.48 -22.64
C VAL B 339 19.71 10.24 -22.42
N VAL B 340 20.18 10.89 -23.48
CA VAL B 340 21.42 11.66 -23.44
C VAL B 340 21.07 13.14 -23.59
N SER B 341 21.76 14.01 -22.86
CA SER B 341 21.48 15.44 -22.97
C SER B 341 22.72 16.23 -23.36
N SER B 342 22.51 17.49 -23.69
CA SER B 342 23.59 18.38 -24.09
C SER B 342 23.84 19.40 -22.97
N HIS B 343 24.81 19.12 -22.11
CA HIS B 343 25.09 20.05 -21.01
C HIS B 343 26.47 20.70 -21.04
N ALA B 344 26.46 22.03 -21.01
CA ALA B 344 27.66 22.84 -21.02
C ALA B 344 28.44 22.67 -19.71
N SER B 345 29.76 22.67 -19.82
CA SER B 345 30.62 22.52 -18.64
C SER B 345 30.27 23.52 -17.57
N ALA B 346 29.87 23.04 -16.40
CA ALA B 346 29.52 23.92 -15.30
C ALA B 346 30.77 24.70 -14.88
N ARG B 347 31.91 24.01 -14.89
CA ARG B 347 33.20 24.59 -14.50
C ARG B 347 33.37 26.03 -14.99
N VAL B 348 33.65 26.92 -14.06
CA VAL B 348 33.84 28.33 -14.40
C VAL B 348 35.22 28.57 -14.99
N GLU B 349 35.26 29.33 -16.09
CA GLU B 349 36.50 29.65 -16.77
C GLU B 349 37.08 30.97 -16.27
N PHE B 350 38.41 31.06 -16.30
CA PHE B 350 39.07 32.27 -15.83
C PHE B 350 40.54 32.25 -16.21
N GLN B 351 41.19 33.39 -16.07
CA GLN B 351 42.59 33.52 -16.39
C GLN B 351 43.26 34.28 -15.26
N PRO B 352 44.29 33.69 -14.64
CA PRO B 352 44.97 34.38 -13.55
C PRO B 352 45.36 35.81 -13.92
N SER B 353 45.11 36.74 -13.00
CA SER B 353 45.42 38.14 -13.20
C SER B 353 45.80 38.76 -11.86
N ALA B 354 46.62 39.80 -11.88
CA ALA B 354 47.02 40.45 -10.64
C ALA B 354 46.21 41.71 -10.36
N ASN B 355 46.32 42.15 -9.10
CA ASN B 355 45.63 43.34 -8.62
C ASN B 355 46.03 43.35 -7.15
N ALA B 356 47.03 44.16 -6.81
CA ALA B 356 47.53 44.25 -5.46
C ALA B 356 46.46 44.55 -4.42
N LEU B 357 45.51 45.42 -4.74
CA LEU B 357 44.44 45.77 -3.80
C LEU B 357 43.64 44.53 -3.44
N VAL B 358 42.99 43.95 -4.43
CA VAL B 358 42.18 42.76 -4.21
C VAL B 358 42.98 41.66 -3.51
N ALA B 359 44.19 41.42 -3.99
CA ALA B 359 45.04 40.39 -3.40
C ALA B 359 45.26 40.62 -1.92
N GLY B 360 45.37 41.90 -1.54
CA GLY B 360 45.59 42.24 -0.14
C GLY B 360 44.37 41.89 0.69
N ILE B 361 43.20 42.07 0.09
CA ILE B 361 41.94 41.78 0.78
C ILE B 361 41.83 40.27 0.94
N VAL B 362 41.95 39.57 -0.19
CA VAL B 362 41.87 38.12 -0.20
C VAL B 362 42.84 37.52 0.81
N GLU B 363 44.06 38.03 0.84
CA GLU B 363 45.07 37.52 1.78
C GLU B 363 44.61 37.75 3.22
N LEU B 364 44.20 38.98 3.52
CA LEU B 364 43.73 39.36 4.85
C LEU B 364 42.50 38.57 5.30
N VAL B 365 41.45 38.55 4.48
CA VAL B 365 40.24 37.81 4.81
C VAL B 365 40.61 36.36 5.04
N THR B 366 41.35 35.83 4.09
CA THR B 366 41.82 34.44 4.10
C THR B 366 42.60 34.06 5.37
N ALA B 367 43.53 34.92 5.78
CA ALA B 367 44.33 34.65 6.96
C ALA B 367 43.49 34.68 8.23
N THR B 368 42.74 35.76 8.41
CA THR B 368 41.89 35.93 9.58
C THR B 368 41.04 34.68 9.86
N LEU B 369 40.37 34.17 8.84
CA LEU B 369 39.55 32.98 9.01
C LEU B 369 40.42 31.79 9.38
N SER B 370 41.54 31.63 8.67
CA SER B 370 42.43 30.51 8.96
C SER B 370 42.93 30.54 10.41
N ASP B 371 43.34 31.71 10.88
CA ASP B 371 43.85 31.85 12.24
C ASP B 371 42.83 31.48 13.33
N LEU B 372 41.56 31.72 13.03
CA LEU B 372 40.48 31.46 13.98
C LEU B 372 40.00 30.03 14.12
N GLU B 373 40.61 29.09 13.40
CA GLU B 373 40.16 27.70 13.43
C GLU B 373 39.79 27.12 14.79
N THR B 374 40.78 27.01 15.68
CA THR B 374 40.53 26.42 16.99
C THR B 374 39.53 27.21 17.85
N HIS B 375 39.60 28.54 17.78
CA HIS B 375 38.67 29.35 18.57
C HIS B 375 37.24 29.14 18.09
N LEU B 376 37.05 29.11 16.77
CA LEU B 376 35.70 28.91 16.23
C LEU B 376 35.18 27.51 16.51
N ASN B 377 36.08 26.52 16.62
CA ASN B 377 35.65 25.16 16.91
C ASN B 377 35.18 25.12 18.35
N ALA B 378 35.92 25.80 19.22
CA ALA B 378 35.59 25.87 20.64
C ALA B 378 34.17 26.44 20.81
N LEU B 379 33.89 27.53 20.12
CA LEU B 379 32.56 28.12 20.21
C LEU B 379 31.52 27.19 19.65
N ASP B 380 31.84 26.52 18.55
CA ASP B 380 30.89 25.62 17.92
C ASP B 380 30.66 24.37 18.75
N ALA B 381 31.67 23.96 19.51
CA ALA B 381 31.58 22.77 20.36
C ALA B 381 30.50 22.88 21.44
N LYS B 382 30.24 24.11 21.89
CA LYS B 382 29.24 24.35 22.93
C LYS B 382 27.91 23.68 22.64
N VAL B 383 27.37 23.88 21.45
CA VAL B 383 26.09 23.27 21.07
C VAL B 383 26.20 22.55 19.73
N GLY B 384 27.02 23.09 18.83
CA GLY B 384 27.20 22.50 17.51
C GLY B 384 28.11 21.28 17.54
N ASP B 385 28.82 21.03 16.45
CA ASP B 385 29.72 19.88 16.36
C ASP B 385 31.18 20.25 16.57
N GLY B 386 31.43 21.51 16.89
CA GLY B 386 32.79 21.97 17.13
C GLY B 386 33.74 21.85 15.94
N ASP B 387 33.22 22.04 14.73
CA ASP B 387 34.04 21.96 13.53
C ASP B 387 33.96 23.17 12.61
N THR B 388 33.02 24.08 12.88
CA THR B 388 32.85 25.28 12.07
C THR B 388 34.17 25.99 11.79
N GLY B 389 35.05 26.03 12.78
CA GLY B 389 36.35 26.65 12.58
C GLY B 389 37.14 25.94 11.49
N SER B 390 37.14 24.62 11.54
CA SER B 390 37.85 23.82 10.56
C SER B 390 37.22 23.93 9.18
N THR B 391 35.89 23.92 9.13
CA THR B 391 35.17 24.02 7.87
C THR B 391 35.52 25.36 7.19
N PHE B 392 35.47 26.43 7.97
CA PHE B 392 35.77 27.76 7.45
C PHE B 392 37.24 27.87 7.09
N ALA B 393 38.09 27.24 7.89
CA ALA B 393 39.53 27.27 7.65
C ALA B 393 39.83 26.53 6.34
N ALA B 394 39.09 25.45 6.12
CA ALA B 394 39.26 24.65 4.92
C ALA B 394 39.03 25.51 3.68
N ALA B 395 37.99 26.33 3.71
CA ALA B 395 37.70 27.19 2.59
C ALA B 395 38.70 28.31 2.46
N ALA B 396 39.08 28.90 3.59
CA ALA B 396 40.03 29.99 3.59
C ALA B 396 41.32 29.54 2.92
N ARG B 397 41.90 28.46 3.43
CA ARG B 397 43.15 27.94 2.89
C ARG B 397 43.08 27.56 1.41
N GLU B 398 41.92 27.08 0.96
CA GLU B 398 41.76 26.70 -0.43
C GLU B 398 41.91 27.94 -1.30
N ILE B 399 41.31 29.04 -0.87
CA ILE B 399 41.38 30.29 -1.63
C ILE B 399 42.75 30.95 -1.42
N ALA B 400 43.35 30.70 -0.26
CA ALA B 400 44.66 31.26 0.06
C ALA B 400 45.69 30.57 -0.83
N SER B 401 45.55 29.27 -0.93
CA SER B 401 46.44 28.47 -1.76
C SER B 401 46.41 29.03 -3.18
N LEU B 402 45.22 29.01 -3.77
CA LEU B 402 45.05 29.54 -5.12
C LEU B 402 45.69 30.91 -5.22
N LEU B 403 45.52 31.72 -4.20
CA LEU B 403 46.11 33.06 -4.20
C LEU B 403 47.63 32.96 -4.25
N HIS B 404 48.18 32.16 -3.35
CA HIS B 404 49.62 31.96 -3.26
C HIS B 404 50.25 31.31 -4.50
N ARG B 405 49.44 30.62 -5.28
CA ARG B 405 49.92 29.98 -6.50
C ARG B 405 49.61 30.86 -7.72
N GLN B 406 49.39 32.16 -7.48
CA GLN B 406 49.05 33.11 -8.55
C GLN B 406 48.01 32.54 -9.49
N GLN B 407 47.04 31.81 -8.93
CA GLN B 407 45.98 31.19 -9.73
C GLN B 407 44.64 31.90 -9.73
N LEU B 408 44.52 33.02 -9.02
CA LEU B 408 43.26 33.75 -8.94
C LEU B 408 43.08 34.86 -9.96
N PRO B 409 41.87 35.00 -10.51
CA PRO B 409 41.57 36.05 -11.49
C PRO B 409 41.33 37.34 -10.74
N LEU B 410 42.29 37.68 -9.88
CA LEU B 410 42.24 38.88 -9.04
C LEU B 410 41.78 40.17 -9.71
N ASN B 411 41.96 40.30 -11.02
CA ASN B 411 41.59 41.53 -11.69
C ASN B 411 40.15 41.63 -12.14
N ASN B 412 39.39 40.58 -11.86
CA ASN B 412 37.97 40.54 -12.22
C ASN B 412 37.16 39.92 -11.09
N LEU B 413 36.59 40.78 -10.25
CA LEU B 413 35.79 40.31 -9.12
C LEU B 413 34.70 39.33 -9.52
N ALA B 414 33.92 39.68 -10.54
CA ALA B 414 32.84 38.81 -10.98
C ALA B 414 33.32 37.37 -11.13
N THR B 415 34.35 37.18 -11.94
CA THR B 415 34.89 35.86 -12.17
C THR B 415 35.54 35.33 -10.89
N LEU B 416 36.15 36.21 -10.11
CA LEU B 416 36.78 35.79 -8.87
C LEU B 416 35.75 35.20 -7.93
N PHE B 417 34.65 35.93 -7.72
CA PHE B 417 33.60 35.45 -6.84
C PHE B 417 33.06 34.14 -7.38
N ALA B 418 32.77 34.12 -8.68
CA ALA B 418 32.26 32.92 -9.32
C ALA B 418 33.21 31.74 -9.09
N LEU B 419 34.51 32.01 -9.06
CA LEU B 419 35.48 30.95 -8.83
C LEU B 419 35.46 30.46 -7.39
N ILE B 420 35.36 31.39 -6.45
CA ILE B 420 35.30 31.04 -5.04
C ILE B 420 34.02 30.24 -4.81
N GLY B 421 32.92 30.76 -5.35
CA GLY B 421 31.65 30.09 -5.21
C GLY B 421 31.70 28.66 -5.67
N GLU B 422 32.47 28.41 -6.72
CA GLU B 422 32.60 27.07 -7.26
C GLU B 422 33.49 26.19 -6.40
N ARG B 423 34.55 26.76 -5.86
CA ARG B 423 35.49 25.99 -5.05
C ARG B 423 35.16 25.71 -3.58
N LEU B 424 34.40 26.59 -2.92
CA LEU B 424 34.10 26.38 -1.50
C LEU B 424 33.42 25.06 -1.11
N THR B 425 32.30 24.72 -1.75
CA THR B 425 31.61 23.46 -1.42
C THR B 425 32.49 22.23 -1.61
N VAL B 426 33.47 22.33 -2.50
CA VAL B 426 34.35 21.21 -2.75
C VAL B 426 35.27 20.97 -1.55
N VAL B 427 35.66 22.04 -0.89
CA VAL B 427 36.55 21.94 0.25
C VAL B 427 35.83 22.05 1.59
N MET B 428 34.66 22.68 1.56
CA MET B 428 33.84 22.84 2.77
C MET B 428 32.68 21.86 2.74
N GLY B 429 32.66 20.93 3.68
CA GLY B 429 31.57 19.99 3.69
C GLY B 429 30.39 20.60 4.42
N GLY B 430 29.22 19.98 4.28
CA GLY B 430 28.04 20.46 4.97
C GLY B 430 27.45 21.76 4.50
N SER B 431 26.34 22.13 5.13
CA SER B 431 25.61 23.34 4.80
C SER B 431 26.43 24.62 4.76
N SER B 432 27.49 24.70 5.55
CA SER B 432 28.33 25.88 5.55
C SER B 432 28.92 26.09 4.17
N GLY B 433 29.46 25.01 3.60
CA GLY B 433 30.06 25.08 2.29
C GLY B 433 29.06 25.51 1.24
N VAL B 434 27.89 24.89 1.25
CA VAL B 434 26.84 25.20 0.28
C VAL B 434 26.34 26.65 0.40
N LEU B 435 26.11 27.09 1.62
CA LEU B 435 25.67 28.45 1.86
C LEU B 435 26.70 29.45 1.35
N MET B 436 27.97 29.26 1.71
CA MET B 436 29.01 30.17 1.24
C MET B 436 29.12 30.15 -0.29
N SER B 437 28.96 28.98 -0.90
CA SER B 437 29.03 28.89 -2.35
C SER B 437 27.86 29.65 -2.94
N ILE B 438 26.70 29.53 -2.31
CA ILE B 438 25.51 30.23 -2.77
C ILE B 438 25.79 31.73 -2.74
N PHE B 439 26.30 32.18 -1.60
CA PHE B 439 26.63 33.58 -1.38
C PHE B 439 27.49 34.13 -2.52
N PHE B 440 28.67 33.57 -2.69
CA PHE B 440 29.58 34.05 -3.73
C PHE B 440 29.09 33.87 -5.16
N THR B 441 28.43 32.76 -5.44
CA THR B 441 27.92 32.51 -6.79
C THR B 441 26.93 33.60 -7.17
N ALA B 442 25.98 33.87 -6.28
CA ALA B 442 24.98 34.90 -6.53
C ALA B 442 25.64 36.28 -6.56
N ALA B 443 26.66 36.47 -5.72
CA ALA B 443 27.36 37.74 -5.66
C ALA B 443 28.10 37.95 -6.97
N GLY B 444 28.81 36.92 -7.39
CA GLY B 444 29.59 36.99 -8.62
C GLY B 444 28.70 37.34 -9.80
N GLN B 445 27.47 36.85 -9.76
CA GLN B 445 26.53 37.13 -10.84
C GLN B 445 25.94 38.52 -10.78
N LYS B 446 25.81 39.07 -9.58
CA LYS B 446 25.26 40.41 -9.44
C LYS B 446 26.32 41.36 -10.00
N LEU B 447 27.58 41.03 -9.77
CA LEU B 447 28.69 41.84 -10.29
C LEU B 447 28.71 41.75 -11.81
N GLU B 448 28.45 40.55 -12.33
CA GLU B 448 28.44 40.36 -13.77
C GLU B 448 27.42 41.29 -14.42
N GLN B 449 26.36 41.61 -13.67
CA GLN B 449 25.33 42.51 -14.15
C GLN B 449 25.79 43.95 -13.97
N GLY B 450 27.05 44.10 -13.57
CA GLY B 450 27.61 45.43 -13.37
C GLY B 450 27.18 46.18 -12.12
N ALA B 451 27.08 45.49 -11.00
CA ALA B 451 26.68 46.16 -9.76
C ALA B 451 27.97 46.37 -8.97
N ASN B 452 27.93 47.26 -7.99
CA ASN B 452 29.13 47.51 -7.19
C ASN B 452 29.24 46.36 -6.20
N VAL B 453 30.42 46.19 -5.61
CA VAL B 453 30.68 45.12 -4.67
C VAL B 453 29.66 44.98 -3.53
N VAL B 454 29.38 46.07 -2.84
CA VAL B 454 28.43 46.02 -1.75
C VAL B 454 27.04 45.54 -2.20
N GLU B 455 26.62 45.94 -3.39
CA GLU B 455 25.33 45.52 -3.91
C GLU B 455 25.33 44.02 -4.17
N ALA B 456 26.40 43.54 -4.77
CA ALA B 456 26.54 42.12 -5.07
C ALA B 456 26.60 41.31 -3.79
N LEU B 457 27.34 41.79 -2.81
CA LEU B 457 27.46 41.10 -1.54
C LEU B 457 26.10 40.99 -0.85
N ASN B 458 25.27 42.02 -1.00
CA ASN B 458 23.94 42.01 -0.41
C ASN B 458 23.03 41.04 -1.13
N THR B 459 23.21 40.90 -2.43
CA THR B 459 22.41 39.96 -3.18
C THR B 459 22.81 38.55 -2.73
N GLY B 460 24.10 38.38 -2.45
CA GLY B 460 24.59 37.11 -1.98
C GLY B 460 23.91 36.76 -0.66
N LEU B 461 23.83 37.74 0.22
CA LEU B 461 23.19 37.57 1.52
C LEU B 461 21.73 37.21 1.34
N ALA B 462 21.06 37.95 0.47
CA ALA B 462 19.64 37.74 0.18
C ALA B 462 19.36 36.32 -0.28
N GLN B 463 20.24 35.79 -1.13
CA GLN B 463 20.08 34.45 -1.63
C GLN B 463 20.39 33.43 -0.55
N MET B 464 21.39 33.74 0.25
CA MET B 464 21.75 32.85 1.33
C MET B 464 20.55 32.71 2.27
N LYS B 465 19.84 33.82 2.49
CA LYS B 465 18.68 33.81 3.38
C LYS B 465 17.50 33.05 2.80
N PHE B 466 17.26 33.24 1.51
CA PHE B 466 16.15 32.58 0.85
C PHE B 466 16.23 31.05 0.94
N TYR B 467 17.39 30.50 0.59
CA TYR B 467 17.60 29.07 0.60
C TYR B 467 17.87 28.56 2.01
N GLY B 468 18.74 29.28 2.73
CA GLY B 468 19.08 28.90 4.08
C GLY B 468 17.92 29.01 5.05
N GLY B 469 16.98 29.90 4.79
CA GLY B 469 15.83 30.08 5.66
C GLY B 469 16.07 30.86 6.95
N ALA B 470 17.32 31.22 7.22
CA ALA B 470 17.63 31.97 8.43
C ALA B 470 17.32 33.46 8.32
N ASP B 471 17.07 34.07 9.47
CA ASP B 471 16.77 35.49 9.55
C ASP B 471 17.63 36.11 10.63
N GLU B 472 17.62 37.43 10.69
CA GLU B 472 18.40 38.11 11.70
C GLU B 472 17.78 37.75 13.05
N GLY B 473 18.62 37.22 13.93
CA GLY B 473 18.15 36.81 15.24
C GLY B 473 18.17 35.30 15.40
N ASP B 474 18.39 34.56 14.32
CA ASP B 474 18.42 33.10 14.40
C ASP B 474 19.78 32.54 14.82
N ARG B 475 20.72 33.42 15.13
CA ARG B 475 22.04 33.05 15.58
C ARG B 475 22.99 32.41 14.56
N THR B 476 23.09 33.01 13.37
CA THR B 476 24.01 32.52 12.35
C THR B 476 24.83 33.70 11.89
N MET B 477 25.81 33.46 11.03
CA MET B 477 26.65 34.54 10.54
C MET B 477 25.84 35.72 10.02
N ILE B 478 24.61 35.45 9.61
CA ILE B 478 23.73 36.49 9.09
C ILE B 478 23.61 37.65 10.09
N ASP B 479 23.53 37.31 11.36
CA ASP B 479 23.39 38.31 12.42
C ASP B 479 24.47 39.36 12.44
N ALA B 480 25.63 39.04 11.87
CA ALA B 480 26.72 39.99 11.82
C ALA B 480 26.90 40.50 10.39
N LEU B 481 26.64 39.63 9.42
CA LEU B 481 26.81 39.99 8.02
C LEU B 481 25.87 41.09 7.56
N GLN B 482 24.57 40.88 7.78
CA GLN B 482 23.56 41.85 7.36
C GLN B 482 23.85 43.25 7.88
N PRO B 483 24.05 43.38 9.21
CA PRO B 483 24.33 44.70 9.78
C PRO B 483 25.49 45.36 9.04
N ALA B 484 26.55 44.58 8.82
CA ALA B 484 27.73 45.07 8.14
C ALA B 484 27.43 45.49 6.70
N LEU B 485 26.70 44.65 5.97
CA LEU B 485 26.40 44.97 4.59
C LEU B 485 25.48 46.16 4.50
N THR B 486 24.66 46.35 5.53
CA THR B 486 23.75 47.48 5.52
C THR B 486 24.58 48.71 5.84
N SER B 487 25.50 48.58 6.79
CA SER B 487 26.33 49.72 7.17
C SER B 487 27.08 50.23 5.94
N LEU B 488 27.67 49.32 5.20
CA LEU B 488 28.43 49.65 4.00
C LEU B 488 27.57 50.25 2.90
N LEU B 489 26.31 49.85 2.83
CA LEU B 489 25.39 50.34 1.81
C LEU B 489 25.15 51.83 1.99
N ALA B 490 25.30 52.31 3.22
CA ALA B 490 25.10 53.73 3.51
C ALA B 490 26.46 54.45 3.51
N GLN B 491 27.48 53.77 4.03
CA GLN B 491 28.82 54.33 4.06
C GLN B 491 29.79 53.33 3.43
N PRO B 492 29.75 53.24 2.10
CA PRO B 492 30.52 52.39 1.19
C PRO B 492 32.00 52.24 1.50
N LYS B 493 32.56 53.23 2.17
CA LYS B 493 33.99 53.23 2.48
C LYS B 493 34.32 53.22 3.96
N ASN B 494 33.30 53.34 4.82
CA ASN B 494 33.53 53.33 6.26
C ASN B 494 33.61 51.90 6.83
N LEU B 495 34.79 51.31 6.76
CA LEU B 495 35.00 49.96 7.25
C LEU B 495 34.86 49.82 8.76
N GLN B 496 35.16 50.89 9.49
CA GLN B 496 35.04 50.86 10.94
C GLN B 496 33.57 50.69 11.35
N ALA B 497 32.70 51.40 10.62
CA ALA B 497 31.28 51.33 10.90
C ALA B 497 30.75 49.92 10.66
N ALA B 498 31.15 49.35 9.52
CA ALA B 498 30.73 48.01 9.13
C ALA B 498 31.09 47.01 10.22
N PHE B 499 32.33 47.09 10.69
CA PHE B 499 32.80 46.20 11.73
C PHE B 499 31.97 46.35 12.99
N ASP B 500 31.82 47.58 13.42
CA ASP B 500 31.05 47.86 14.63
C ASP B 500 29.65 47.27 14.52
N ALA B 501 29.05 47.37 13.35
CA ALA B 501 27.71 46.83 13.16
C ALA B 501 27.75 45.31 13.30
N ALA B 502 28.67 44.69 12.58
CA ALA B 502 28.81 43.24 12.62
C ALA B 502 29.05 42.79 14.06
N GLN B 503 29.94 43.51 14.75
CA GLN B 503 30.28 43.21 16.13
C GLN B 503 29.06 43.23 17.06
N ALA B 504 28.17 44.21 16.86
CA ALA B 504 26.96 44.29 17.68
C ALA B 504 26.08 43.07 17.41
N GLY B 505 25.94 42.73 16.13
CA GLY B 505 25.16 41.56 15.75
C GLY B 505 25.72 40.29 16.33
N ALA B 506 27.04 40.15 16.34
CA ALA B 506 27.66 38.96 16.88
C ALA B 506 27.34 38.90 18.38
N GLU B 507 27.41 40.06 19.00
CA GLU B 507 27.14 40.17 20.42
C GLU B 507 25.69 39.78 20.73
N ARG B 508 24.78 40.10 19.81
CA ARG B 508 23.38 39.74 20.03
C ARG B 508 23.20 38.23 20.10
N THR B 509 24.03 37.48 19.38
CA THR B 509 23.91 36.02 19.37
C THR B 509 24.32 35.40 20.70
N CYS B 510 25.06 36.15 21.50
CA CYS B 510 25.49 35.65 22.80
C CYS B 510 24.33 35.66 23.76
N LEU B 511 23.42 36.59 23.55
CA LEU B 511 22.26 36.71 24.41
C LEU B 511 21.23 35.63 24.16
N SER B 512 20.75 35.54 22.93
CA SER B 512 19.73 34.55 22.59
C SER B 512 20.21 33.10 22.60
N SER B 513 21.40 32.85 23.15
CA SER B 513 21.92 31.49 23.20
C SER B 513 21.16 30.64 24.21
N LYS B 514 20.44 29.64 23.71
CA LYS B 514 19.67 28.74 24.58
C LYS B 514 20.61 27.90 25.43
N ALA B 515 21.50 27.17 24.77
CA ALA B 515 22.46 26.31 25.46
C ALA B 515 23.18 27.11 26.55
N ASN B 516 22.86 26.79 27.80
CA ASN B 516 23.45 27.45 28.96
C ASN B 516 22.82 26.89 30.24
N ALA B 517 22.20 25.71 30.12
CA ALA B 517 21.55 25.06 31.27
C ALA B 517 22.52 24.85 32.44
N GLU B 526 28.42 34.79 33.03
CA GLU B 526 29.23 36.00 33.22
C GLU B 526 29.25 36.87 31.97
N SER B 527 30.34 36.78 31.20
CA SER B 527 30.52 37.56 29.98
C SER B 527 29.77 36.97 28.78
N LEU B 528 29.38 35.71 28.89
CA LEU B 528 28.65 35.02 27.82
C LEU B 528 29.31 35.00 26.45
N LEU B 529 30.62 35.26 26.40
CA LEU B 529 31.34 35.27 25.12
C LEU B 529 31.54 33.84 24.60
N GLY B 530 31.23 32.86 25.43
CA GLY B 530 31.38 31.46 25.04
C GLY B 530 30.11 30.95 24.40
N ASN B 531 29.09 31.81 24.34
CA ASN B 531 27.81 31.47 23.74
C ASN B 531 27.67 32.18 22.40
N MET B 532 28.77 32.72 21.88
CA MET B 532 28.73 33.41 20.59
C MET B 532 28.72 32.44 19.42
N ASP B 533 27.89 32.72 18.42
CA ASP B 533 27.83 31.86 17.26
C ASP B 533 29.12 32.02 16.47
N PRO B 534 29.75 30.91 16.07
CA PRO B 534 31.01 30.96 15.31
C PRO B 534 30.88 31.75 14.02
N GLY B 535 29.78 31.51 13.31
CA GLY B 535 29.57 32.21 12.04
C GLY B 535 29.66 33.70 12.20
N ALA B 536 28.85 34.24 13.11
CA ALA B 536 28.82 35.68 13.39
C ALA B 536 30.19 36.21 13.80
N GLN B 537 30.81 35.55 14.77
CA GLN B 537 32.12 35.96 15.26
C GLN B 537 33.12 36.00 14.10
N ARG B 538 33.15 34.93 13.31
CA ARG B 538 34.08 34.86 12.18
C ARG B 538 33.88 36.06 11.27
N LEU B 539 32.62 36.40 11.06
CA LEU B 539 32.26 37.50 10.22
C LEU B 539 32.72 38.82 10.81
N ALA B 540 32.49 38.99 12.10
CA ALA B 540 32.87 40.22 12.78
C ALA B 540 34.39 40.41 12.75
N MET B 541 35.13 39.32 12.93
CA MET B 541 36.58 39.43 12.91
C MET B 541 37.09 39.77 11.52
N VAL B 542 36.40 39.28 10.49
CA VAL B 542 36.82 39.58 9.13
C VAL B 542 36.75 41.09 8.96
N PHE B 543 35.59 41.67 9.21
CA PHE B 543 35.46 43.11 9.06
C PHE B 543 36.38 43.90 9.98
N LYS B 544 36.61 43.38 11.18
CA LYS B 544 37.50 44.04 12.10
C LYS B 544 38.86 44.15 11.43
N ALA B 545 39.28 43.04 10.81
CA ALA B 545 40.57 43.01 10.13
C ALA B 545 40.59 44.03 8.98
N LEU B 546 39.50 44.09 8.22
CA LEU B 546 39.44 45.02 7.12
C LEU B 546 39.54 46.45 7.62
N ALA B 547 38.79 46.77 8.66
CA ALA B 547 38.78 48.13 9.21
C ALA B 547 40.13 48.53 9.79
N GLU B 548 40.88 47.57 10.31
CA GLU B 548 42.19 47.87 10.89
C GLU B 548 43.30 48.01 9.85
N SER B 549 42.96 47.82 8.57
CA SER B 549 43.94 47.95 7.51
C SER B 549 43.73 49.28 6.79
N GLU B 550 42.82 50.08 7.34
CA GLU B 550 42.52 51.39 6.76
C GLU B 550 42.54 52.48 7.84
C38 MYY C . -26.57 -35.83 12.65
C37 MYY C . -28.06 -36.07 12.93
C36 MYY C . -28.77 -36.63 11.69
C35 MYY C . -30.25 -36.91 11.97
C34 MYY C . -30.92 -37.59 10.78
C33 MYY C . -32.40 -37.90 11.02
C32 MYY C . -33.04 -38.56 9.78
C31 MYY C . -32.49 -39.97 9.53
C30 MYY C . -32.77 -40.50 8.12
C29 MYY C . -34.22 -40.94 7.84
C28 MYY C . -34.26 -41.79 6.57
C27 MYY C . -35.66 -42.32 6.23
C26 MYY C . -35.61 -43.43 5.17
C25 MYY C . -37.02 -43.93 4.83
C24 MYY C . -37.08 -45.42 4.52
C23 MYY C . -37.05 -45.81 3.03
O10 MYY C . -36.53 -45.07 2.20
O8 MYY C . -37.63 -46.99 2.66
C6 MYY C . -37.47 -47.27 1.26
C5 MYY C . -36.26 -48.17 1.06
C4 MYY C . -36.66 -49.50 0.37
O6 MYY C . -37.83 -50.10 0.94
P MYY C . -37.83 -50.93 2.33
O4 MYY C . -37.10 -50.00 3.43
O3 MYY C . -39.38 -51.02 2.76
O5 MYY C . -37.22 -52.29 2.22
O7 MYY C . -35.54 -48.33 2.29
C7 MYY C . -34.23 -48.66 2.08
O9 MYY C . -33.79 -48.83 0.95
C8 MYY C . -33.33 -48.84 3.31
C9 MYY C . -32.17 -47.85 3.29
C10 MYY C . -32.09 -47.01 4.57
C11 MYY C . -30.92 -46.03 4.55
C12 MYY C . -30.93 -45.17 5.82
C13 MYY C . -29.82 -44.12 5.80
C14 MYY C . -30.08 -43.11 6.92
C15 MYY C . -29.13 -41.92 6.90
C16 MYY C . -27.81 -42.20 7.62
C17 MYY C . -27.13 -40.86 7.96
C18 MYY C . -26.11 -41.04 9.08
C19 MYY C . -25.63 -39.70 9.64
C20 MYY C . -24.76 -39.88 10.88
C38 MYY D . 32.86 33.88 7.34
C37 MYY D . 32.59 34.33 5.90
C36 MYY D . 32.66 35.86 5.81
C35 MYY D . 32.50 36.36 4.37
C34 MYY D . 32.82 37.85 4.35
C33 MYY D . 33.00 38.42 2.94
C32 MYY D . 33.80 39.72 3.14
C31 MYY D . 33.95 40.57 1.88
C30 MYY D . 34.81 41.79 2.22
C29 MYY D . 34.61 42.96 1.26
C28 MYY D . 35.05 44.25 1.96
C27 MYY D . 33.97 45.33 1.81
C26 MYY D . 34.04 46.09 0.48
C25 MYY D . 34.47 47.53 0.77
C24 MYY D . 34.07 48.52 -0.33
C23 MYY D . 34.99 48.48 -1.54
O10 MYY D . 34.61 48.91 -2.62
O8 MYY D . 36.27 48.02 -1.40
C6 MYY D . 37.03 48.19 -2.61
C5 MYY D . 37.08 46.96 -3.50
C4 MYY D . 36.51 47.32 -4.87
O6 MYY D . 35.17 47.80 -4.79
P MYY D . 34.46 48.49 -6.06
O4 MYY D . 34.76 47.56 -7.34
O3 MYY D . 32.88 48.40 -5.79
O5 MYY D . 34.90 49.89 -6.26
O7 MYY D . 36.37 45.85 -2.91
C7 MYY D . 37.03 44.68 -3.11
O9 MYY D . 38.12 44.67 -3.68
C8 MYY D . 36.40 43.38 -2.60
C9 MYY D . 37.42 42.28 -2.35
C10 MYY D . 36.73 40.96 -1.96
C11 MYY D . 37.70 39.86 -1.55
C12 MYY D . 36.91 38.61 -1.18
C13 MYY D . 37.77 37.53 -0.53
C14 MYY D . 36.88 36.31 -0.24
C15 MYY D . 37.57 35.23 0.59
C16 MYY D . 36.54 34.13 0.87
C17 MYY D . 37.01 33.13 1.92
C18 MYY D . 35.85 32.20 2.31
C19 MYY D . 36.19 31.32 3.51
C20 MYY D . 34.98 30.53 3.99
#